data_6SLT
#
_entry.id   6SLT
#
_cell.length_a   138.250
_cell.length_b   138.250
_cell.length_c   142.010
_cell.angle_alpha   90.000
_cell.angle_beta   90.000
_cell.angle_gamma   120.000
#
_symmetry.space_group_name_H-M   'P 64'
#
loop_
_entity.id
_entity.type
_entity.pdbx_description
1 polymer 'Tryptophan 6-halogenase'
2 non-polymer GLYCEROL
3 non-polymer 'PHOSPHATE ION'
4 non-polymer TRYPTOPHAN
5 non-polymer 'ADENOSINE MONOPHOSPHATE'
6 non-polymer 'FLAVIN-ADENINE DINUCLEOTIDE'
7 water water
#
_entity_poly.entity_id   1
_entity_poly.type   'polypeptide(L)'
_entity_poly.pdbx_seq_one_letter_code
;GAMGDNRIKTVVILGGGTAGWMTAAYLGKALQNTVKIVVLEAPTIPRIGVGEATVPNLQRAFFDYLGIPEEEWMRECNAS
YKMAVKFINWRTPGEGSPDPRTLDDGHTDTFHHPFGLLPSADQIPLSHYWAAKRLQGETDENFDEACFADTAIMNAKKAP
RFLDMRRATNYAWHFDASKVAAFLRNFAVTKQAVEHVEDEMTEVLTDERGFITALRTKSGRILQGDLFVDCSGFRGLLIN
KAMEEPFIDMSDHLLCNSAVATAVPHDDEKNGVEPYTSSIAMEAGWTWKIPMLGRFGSGHVYSDHFATQDEATLAFSKLW
GLDPDNTEFNHVRFRVGRNRRAWVRNCVSVGLASCFVEPLESSGIYFIYAAIHMLAKHFPDKTFDKVLVDRFNREIEEMF
DDTRDFLQAHYYFSPRVDTPFWRANKELKLADSIKDKVETYRAGLPVNLPVTDEGTYYGNFEAEFRNFWTNGSYYCIFAG
LGLMPRNPLPALAYKPQSIAEAELLFADVKRKGDTLVESLPSTYDLLRQLHGAS
;
_entity_poly.pdbx_strand_id   A,B
#
# COMPACT_ATOMS: atom_id res chain seq x y z
N ASP A 5 -7.92 31.09 18.89
CA ASP A 5 -7.51 29.81 19.57
C ASP A 5 -8.76 28.93 19.78
N ASN A 6 -9.01 28.00 18.84
CA ASN A 6 -10.21 27.12 18.78
C ASN A 6 -9.82 25.69 19.20
N ARG A 7 -8.63 25.53 19.78
CA ARG A 7 -8.02 24.21 20.07
C ARG A 7 -8.70 23.55 21.26
N ILE A 8 -8.57 22.23 21.31
CA ILE A 8 -8.72 21.37 22.51
C ILE A 8 -7.75 21.90 23.57
N LYS A 9 -8.25 22.11 24.77
CA LYS A 9 -7.41 22.60 25.89
C LYS A 9 -7.13 21.42 26.82
N THR A 10 -8.13 20.55 27.01
CA THR A 10 -8.11 19.45 27.98
C THR A 10 -8.65 18.18 27.31
N VAL A 11 -7.99 17.07 27.54
CA VAL A 11 -8.43 15.72 27.11
C VAL A 11 -8.65 14.90 28.37
N VAL A 12 -9.82 14.30 28.50
CA VAL A 12 -10.15 13.40 29.63
C VAL A 12 -10.24 11.99 29.07
N ILE A 13 -9.55 11.06 29.73
CA ILE A 13 -9.46 9.63 29.35
C ILE A 13 -10.12 8.85 30.48
N LEU A 14 -11.28 8.26 30.21
CA LEU A 14 -11.98 7.40 31.19
C LEU A 14 -11.33 6.01 31.14
N GLY A 15 -10.76 5.57 32.26
CA GLY A 15 -10.21 4.21 32.41
C GLY A 15 -8.71 4.21 32.28
N GLY A 16 -8.04 3.46 33.13
CA GLY A 16 -6.60 3.20 32.98
C GLY A 16 -6.34 1.94 32.17
N GLY A 17 -5.76 0.92 32.81
CA GLY A 17 -5.22 -0.26 32.15
C GLY A 17 -4.31 0.13 30.99
N THR A 18 -4.10 -0.80 30.07
CA THR A 18 -3.18 -0.59 28.95
C THR A 18 -3.73 0.53 28.06
N ALA A 19 -5.03 0.57 27.79
CA ALA A 19 -5.60 1.47 26.75
C ALA A 19 -5.40 2.92 27.19
N GLY A 20 -5.95 3.26 28.37
CA GLY A 20 -5.87 4.60 28.96
C GLY A 20 -4.44 5.11 29.07
N TRP A 21 -3.53 4.34 29.64
CA TRP A 21 -2.14 4.83 29.90
C TRP A 21 -1.32 4.83 28.61
N MET A 22 -1.61 3.98 27.62
CA MET A 22 -0.97 4.10 26.30
C MET A 22 -1.48 5.41 25.67
N THR A 23 -2.78 5.68 25.80
CA THR A 23 -3.42 6.89 25.21
C THR A 23 -2.81 8.13 25.86
N ALA A 24 -2.80 8.17 27.19
CA ALA A 24 -2.26 9.29 27.99
C ALA A 24 -0.84 9.59 27.53
N ALA A 25 0.01 8.58 27.49
CA ALA A 25 1.46 8.68 27.17
C ALA A 25 1.67 9.15 25.73
N TYR A 26 1.03 8.51 24.76
CA TYR A 26 1.24 8.83 23.31
C TYR A 26 0.82 10.29 23.07
N LEU A 27 -0.35 10.67 23.54
CA LEU A 27 -0.89 12.05 23.38
C LEU A 27 -0.01 13.07 24.12
N GLY A 28 0.52 12.72 25.27
CA GLY A 28 1.48 13.56 26.01
C GLY A 28 2.59 14.04 25.10
N LYS A 29 3.18 13.10 24.36
CA LYS A 29 4.29 13.32 23.42
C LYS A 29 3.78 13.98 22.13
N ALA A 30 2.65 13.52 21.59
CA ALA A 30 2.12 13.96 20.28
C ALA A 30 1.69 15.42 20.35
N LEU A 31 1.07 15.82 21.47
CA LEU A 31 0.41 17.14 21.60
C LEU A 31 1.37 18.13 22.26
N GLN A 32 2.59 17.67 22.58
CA GLN A 32 3.76 18.55 22.89
C GLN A 32 3.39 19.48 24.03
N ASN A 33 2.66 18.97 25.02
CA ASN A 33 2.34 19.71 26.27
C ASN A 33 1.56 21.03 25.97
N THR A 34 0.82 21.11 24.85
CA THR A 34 -0.13 22.21 24.50
C THR A 34 -1.55 21.88 24.96
N VAL A 35 -1.73 20.70 25.53
CA VAL A 35 -3.06 20.18 25.94
C VAL A 35 -2.90 19.49 27.29
N LYS A 36 -3.82 19.75 28.20
CA LYS A 36 -3.89 19.13 29.54
C LYS A 36 -4.54 17.75 29.38
N ILE A 37 -3.97 16.74 30.02
CA ILE A 37 -4.45 15.34 29.90
C ILE A 37 -4.78 14.84 31.29
N VAL A 38 -5.99 14.32 31.45
CA VAL A 38 -6.52 13.77 32.72
C VAL A 38 -6.91 12.34 32.44
N VAL A 39 -6.40 11.43 33.27
CA VAL A 39 -6.86 10.02 33.32
C VAL A 39 -7.71 9.89 34.59
N LEU A 40 -8.95 9.45 34.42
CA LEU A 40 -9.88 9.05 35.52
C LEU A 40 -9.97 7.52 35.56
N GLU A 41 -9.39 6.84 36.55
CA GLU A 41 -9.56 5.36 36.69
C GLU A 41 -9.99 4.99 38.11
N ALA A 42 -11.00 4.11 38.24
CA ALA A 42 -11.45 3.49 39.52
C ALA A 42 -10.24 2.91 40.24
N PRO A 43 -10.35 2.45 41.51
CA PRO A 43 -9.21 1.86 42.19
C PRO A 43 -9.05 0.40 41.70
N THR A 44 -7.79 -0.03 41.51
CA THR A 44 -7.39 -1.32 40.87
C THR A 44 -7.43 -2.48 41.90
N ILE A 45 -8.50 -3.30 41.90
CA ILE A 45 -8.54 -4.65 42.58
C ILE A 45 -7.63 -5.59 41.77
N PRO A 46 -6.34 -5.79 42.14
CA PRO A 46 -5.39 -6.47 41.25
C PRO A 46 -5.85 -7.90 40.92
N ARG A 47 -5.61 -8.35 39.69
CA ARG A 47 -6.06 -9.68 39.17
C ARG A 47 -4.87 -10.34 38.47
N ILE A 48 -4.85 -11.67 38.48
CA ILE A 48 -3.63 -12.51 38.24
C ILE A 48 -3.13 -12.24 36.81
N GLY A 49 -1.81 -12.13 36.63
CA GLY A 49 -1.14 -11.73 35.39
C GLY A 49 -1.14 -12.82 34.31
N VAL A 50 -2.23 -12.89 33.54
CA VAL A 50 -2.58 -13.90 32.49
C VAL A 50 -1.67 -13.81 31.25
N GLY A 51 -0.78 -12.80 31.20
CA GLY A 51 0.14 -12.59 30.07
C GLY A 51 -0.57 -11.99 28.86
N GLU A 52 0.14 -11.17 28.10
CA GLU A 52 -0.36 -10.57 26.84
C GLU A 52 0.78 -10.60 25.81
N ALA A 53 0.40 -10.87 24.56
CA ALA A 53 1.31 -10.92 23.39
C ALA A 53 1.22 -9.63 22.57
N THR A 54 2.29 -9.31 21.85
CA THR A 54 2.37 -8.08 21.04
C THR A 54 2.92 -8.39 19.64
N VAL A 55 3.00 -7.38 18.81
CA VAL A 55 3.56 -7.48 17.44
C VAL A 55 4.81 -6.61 17.42
N PRO A 56 5.75 -6.88 16.49
CA PRO A 56 7.09 -6.31 16.53
C PRO A 56 7.21 -4.79 16.39
N ASN A 57 6.20 -4.11 15.83
CA ASN A 57 6.23 -2.63 15.60
C ASN A 57 6.20 -1.87 16.95
N LEU A 58 5.85 -2.52 18.08
CA LEU A 58 5.50 -1.84 19.34
C LEU A 58 6.67 -0.98 19.82
N GLN A 59 7.90 -1.45 19.69
CA GLN A 59 9.07 -0.73 20.30
C GLN A 59 9.33 0.51 19.47
N ARG A 60 9.33 0.38 18.14
CA ARG A 60 9.65 1.50 17.22
C ARG A 60 8.56 2.55 17.36
N ALA A 61 7.32 2.13 17.20
CA ALA A 61 6.14 3.00 16.94
C ALA A 61 5.67 3.67 18.25
N PHE A 62 5.97 3.09 19.41
CA PHE A 62 5.44 3.49 20.74
C PHE A 62 6.60 3.83 21.71
N PHE A 63 7.28 2.85 22.27
CA PHE A 63 8.29 3.12 23.34
C PHE A 63 9.41 4.04 22.81
N ASP A 64 9.82 3.93 21.56
CA ASP A 64 10.94 4.76 20.98
C ASP A 64 10.43 6.18 20.74
N TYR A 65 9.18 6.33 20.31
CA TYR A 65 8.48 7.65 20.14
C TYR A 65 8.47 8.37 21.48
N LEU A 66 8.23 7.65 22.59
CA LEU A 66 8.23 8.16 23.98
C LEU A 66 9.65 8.24 24.53
N GLY A 67 10.65 7.72 23.81
CA GLY A 67 12.04 7.68 24.29
C GLY A 67 12.28 6.69 25.43
N ILE A 68 11.39 5.71 25.65
CA ILE A 68 11.62 4.62 26.65
C ILE A 68 12.42 3.50 25.96
N PRO A 69 13.68 3.22 26.36
CA PRO A 69 14.44 2.14 25.73
C PRO A 69 13.94 0.74 26.16
N GLU A 70 14.06 -0.25 25.25
CA GLU A 70 13.47 -1.61 25.31
C GLU A 70 13.76 -2.27 26.65
N GLU A 71 15.01 -2.27 27.08
CA GLU A 71 15.48 -2.94 28.32
C GLU A 71 14.75 -2.35 29.53
N GLU A 72 14.50 -1.04 29.53
CA GLU A 72 14.02 -0.32 30.74
C GLU A 72 12.62 -0.86 31.09
N TRP A 73 11.74 -0.96 30.08
CA TRP A 73 10.32 -1.36 30.30
C TRP A 73 10.20 -2.88 30.47
N MET A 74 10.95 -3.66 29.68
CA MET A 74 10.94 -5.13 29.77
C MET A 74 11.31 -5.57 31.18
N ARG A 75 12.32 -4.93 31.78
CA ARG A 75 12.88 -5.32 33.10
C ARG A 75 11.83 -5.01 34.18
N GLU A 76 10.88 -4.09 33.92
CA GLU A 76 9.87 -3.66 34.92
C GLU A 76 8.54 -4.41 34.74
N CYS A 77 8.38 -5.27 33.74
CA CYS A 77 7.08 -5.95 33.45
C CYS A 77 7.27 -7.44 33.19
N ASN A 78 8.46 -7.99 33.53
CA ASN A 78 8.76 -9.45 33.47
CA ASN A 78 8.75 -9.45 33.48
C ASN A 78 8.52 -9.94 32.04
N ALA A 79 9.06 -9.22 31.07
CA ALA A 79 8.81 -9.42 29.63
C ALA A 79 9.70 -10.55 29.11
N SER A 80 9.14 -11.41 28.27
CA SER A 80 9.89 -12.41 27.47
C SER A 80 9.76 -12.03 25.98
N TYR A 81 10.52 -12.75 25.13
CA TYR A 81 10.55 -12.61 23.66
C TYR A 81 9.49 -13.52 23.01
N LYS A 82 9.07 -13.13 21.80
CA LYS A 82 8.02 -13.80 20.98
C LYS A 82 8.45 -13.74 19.52
N MET A 83 8.61 -14.89 18.84
CA MET A 83 9.11 -14.95 17.43
C MET A 83 8.00 -15.36 16.46
N ALA A 84 6.87 -15.80 17.00
CA ALA A 84 5.68 -16.30 16.25
C ALA A 84 4.55 -16.68 17.21
N VAL A 85 3.40 -16.98 16.64
CA VAL A 85 2.31 -17.77 17.28
C VAL A 85 2.38 -19.20 16.70
N LYS A 86 2.45 -20.20 17.57
CA LYS A 86 2.56 -21.65 17.21
C LYS A 86 1.20 -22.31 17.44
N PHE A 87 0.61 -22.90 16.39
CA PHE A 87 -0.70 -23.57 16.43
C PHE A 87 -0.51 -25.07 16.59
N ILE A 88 -1.08 -25.60 17.66
CA ILE A 88 -0.90 -27.01 18.10
C ILE A 88 -2.27 -27.68 18.14
N ASN A 89 -2.49 -28.66 17.25
CA ASN A 89 -3.58 -29.66 17.24
C ASN A 89 -4.81 -29.06 16.57
N TRP A 90 -4.63 -28.09 15.70
CA TRP A 90 -5.72 -27.36 15.01
C TRP A 90 -6.28 -28.20 13.86
N ARG A 91 -5.65 -29.31 13.51
CA ARG A 91 -6.05 -30.15 12.33
C ARG A 91 -6.52 -31.54 12.75
N THR A 92 -6.21 -31.99 13.97
CA THR A 92 -6.53 -33.34 14.50
C THR A 92 -7.57 -33.29 15.61
N PRO A 93 -8.41 -34.36 15.76
CA PRO A 93 -9.53 -34.34 16.71
C PRO A 93 -9.11 -34.80 18.11
N GLY A 94 -9.93 -34.49 19.13
CA GLY A 94 -9.75 -34.97 20.50
C GLY A 94 -9.45 -33.87 21.52
N GLU A 95 -9.45 -34.25 22.80
CA GLU A 95 -9.27 -33.35 23.96
C GLU A 95 -8.03 -32.50 23.72
N GLY A 96 -7.97 -31.32 24.31
CA GLY A 96 -6.76 -30.51 24.28
C GLY A 96 -5.59 -31.28 24.86
N SER A 97 -4.37 -30.93 24.46
CA SER A 97 -3.11 -31.47 25.04
C SER A 97 -1.98 -30.54 24.61
N PRO A 98 -1.01 -30.23 25.52
CA PRO A 98 0.16 -29.44 25.17
C PRO A 98 0.98 -30.10 24.05
N ASP A 99 0.93 -31.44 23.96
CA ASP A 99 1.75 -32.23 23.01
C ASP A 99 1.02 -32.33 21.68
N PRO A 100 1.73 -32.13 20.55
CA PRO A 100 1.07 -32.23 19.24
C PRO A 100 0.76 -33.67 18.82
N ARG A 101 -0.45 -33.91 18.31
CA ARG A 101 -0.88 -35.18 17.69
C ARG A 101 -0.17 -35.34 16.33
N THR A 102 -0.44 -36.43 15.61
CA THR A 102 0.20 -36.79 14.31
C THR A 102 -0.86 -36.83 13.19
N LEU A 103 -0.57 -36.23 12.04
CA LEU A 103 -1.50 -36.18 10.88
C LEU A 103 -1.52 -37.54 10.18
N ASP A 104 -2.48 -37.74 9.27
CA ASP A 104 -2.56 -38.93 8.38
C ASP A 104 -1.24 -39.07 7.61
N ASP A 105 -0.76 -37.98 7.01
CA ASP A 105 0.43 -37.95 6.11
C ASP A 105 1.72 -38.03 6.95
N GLY A 106 1.63 -38.09 8.28
CA GLY A 106 2.75 -38.45 9.14
C GLY A 106 3.41 -37.26 9.83
N HIS A 107 3.06 -36.05 9.40
CA HIS A 107 3.53 -34.77 9.99
C HIS A 107 2.96 -34.57 11.40
N THR A 108 3.70 -33.94 12.30
CA THR A 108 3.20 -33.41 13.59
C THR A 108 2.20 -32.26 13.32
N ASP A 109 1.12 -32.18 14.10
CA ASP A 109 0.07 -31.13 13.92
C ASP A 109 0.53 -29.85 14.60
N THR A 110 1.52 -29.17 14.01
CA THR A 110 2.01 -27.85 14.47
C THR A 110 2.33 -26.99 13.24
N PHE A 111 1.98 -25.70 13.26
CA PHE A 111 2.51 -24.71 12.30
C PHE A 111 2.76 -23.36 12.99
N HIS A 112 3.80 -22.67 12.52
CA HIS A 112 4.22 -21.35 13.03
C HIS A 112 3.69 -20.25 12.12
N HIS A 113 3.38 -19.11 12.74
CA HIS A 113 3.06 -17.83 12.09
C HIS A 113 4.11 -16.85 12.58
N PRO A 114 5.30 -16.82 11.96
CA PRO A 114 6.39 -15.94 12.41
C PRO A 114 6.24 -14.51 11.87
N PHE A 115 7.21 -13.67 12.16
CA PHE A 115 7.25 -12.26 11.72
C PHE A 115 8.13 -12.13 10.47
N GLY A 116 8.14 -10.94 9.88
CA GLY A 116 9.02 -10.55 8.79
C GLY A 116 8.36 -10.80 7.47
N LEU A 117 8.98 -10.29 6.40
CA LEU A 117 8.49 -10.44 5.01
C LEU A 117 9.32 -11.54 4.34
N LEU A 118 8.71 -12.26 3.42
CA LEU A 118 9.37 -13.32 2.65
C LEU A 118 10.27 -12.69 1.60
N PRO A 119 11.45 -13.28 1.31
CA PRO A 119 12.25 -12.82 0.20
C PRO A 119 11.56 -13.21 -1.11
N SER A 120 11.98 -12.60 -2.20
CA SER A 120 11.42 -12.77 -3.55
C SER A 120 12.54 -13.22 -4.49
N ALA A 121 12.16 -13.86 -5.60
CA ALA A 121 13.03 -14.15 -6.75
C ALA A 121 12.20 -13.95 -8.02
N ASP A 122 12.71 -13.16 -8.96
CA ASP A 122 11.99 -12.70 -10.18
C ASP A 122 10.60 -12.22 -9.74
N GLN A 123 10.56 -11.50 -8.59
CA GLN A 123 9.37 -10.76 -8.09
C GLN A 123 8.30 -11.73 -7.57
N ILE A 124 8.59 -13.03 -7.53
CA ILE A 124 7.66 -14.06 -6.97
C ILE A 124 8.12 -14.39 -5.56
N PRO A 125 7.23 -14.31 -4.54
CA PRO A 125 7.66 -14.57 -3.17
C PRO A 125 8.00 -16.06 -3.00
N LEU A 126 8.90 -16.35 -2.06
CA LEU A 126 9.42 -17.71 -1.76
C LEU A 126 8.25 -18.66 -1.49
N SER A 127 7.18 -18.16 -0.92
CA SER A 127 5.94 -18.93 -0.67
C SER A 127 5.61 -19.78 -1.90
N HIS A 128 5.67 -19.18 -3.07
CA HIS A 128 5.07 -19.75 -4.31
C HIS A 128 5.98 -20.86 -4.85
N TYR A 129 7.29 -20.68 -4.66
CA TYR A 129 8.34 -21.64 -5.03
C TYR A 129 8.20 -22.90 -4.17
N TRP A 130 7.95 -22.74 -2.88
CA TRP A 130 7.71 -23.85 -1.94
C TRP A 130 6.43 -24.57 -2.36
N ALA A 131 5.41 -23.85 -2.77
CA ALA A 131 4.09 -24.46 -3.06
C ALA A 131 4.23 -25.38 -4.27
N ALA A 132 4.88 -24.88 -5.32
CA ALA A 132 5.23 -25.63 -6.56
C ALA A 132 5.85 -26.98 -6.15
N LYS A 133 6.93 -26.93 -5.38
CA LYS A 133 7.69 -28.11 -4.96
C LYS A 133 6.76 -29.05 -4.18
N ARG A 134 5.90 -28.53 -3.30
CA ARG A 134 5.14 -29.38 -2.34
C ARG A 134 4.02 -30.08 -3.08
N LEU A 135 3.40 -29.40 -4.04
CA LEU A 135 2.27 -29.91 -4.87
C LEU A 135 2.81 -30.98 -5.82
N GLN A 136 4.08 -30.86 -6.22
CA GLN A 136 4.75 -31.68 -7.26
C GLN A 136 5.60 -32.76 -6.59
N GLY A 137 5.46 -32.97 -5.28
CA GLY A 137 6.26 -33.98 -4.57
C GLY A 137 7.75 -33.65 -4.43
N GLU A 138 8.30 -32.60 -5.06
CA GLU A 138 9.75 -32.30 -4.96
C GLU A 138 10.17 -31.96 -3.52
N THR A 139 9.26 -31.74 -2.58
CA THR A 139 9.61 -31.44 -1.15
C THR A 139 8.49 -32.01 -0.27
N ASP A 140 8.88 -32.37 0.93
CA ASP A 140 7.98 -32.83 2.01
C ASP A 140 8.08 -31.86 3.17
N GLU A 141 8.92 -30.83 3.06
CA GLU A 141 9.06 -29.72 4.03
C GLU A 141 7.74 -28.95 4.19
N ASN A 142 7.44 -28.52 5.42
CA ASN A 142 6.31 -27.60 5.67
C ASN A 142 6.70 -26.19 5.20
N PHE A 143 5.72 -25.36 4.85
CA PHE A 143 5.88 -23.94 4.49
C PHE A 143 6.76 -23.25 5.54
N ASP A 144 6.41 -23.41 6.82
CA ASP A 144 7.05 -22.58 7.87
C ASP A 144 8.54 -22.87 7.93
N GLU A 145 8.94 -24.15 7.93
CA GLU A 145 10.36 -24.53 8.08
C GLU A 145 11.14 -24.22 6.77
N ALA A 146 10.46 -24.23 5.63
CA ALA A 146 11.15 -24.04 4.33
C ALA A 146 11.53 -22.56 4.19
N CYS A 147 10.68 -21.65 4.66
CA CYS A 147 10.68 -20.22 4.24
C CYS A 147 11.12 -19.28 5.39
N PHE A 148 11.20 -19.76 6.63
CA PHE A 148 11.63 -18.93 7.79
C PHE A 148 12.66 -19.67 8.65
N ALA A 149 13.84 -19.08 8.79
CA ALA A 149 14.91 -19.57 9.68
C ALA A 149 14.42 -19.56 11.13
N ASP A 150 13.54 -18.61 11.45
CA ASP A 150 12.94 -18.46 12.81
C ASP A 150 12.32 -19.81 13.26
N THR A 151 11.79 -20.61 12.32
CA THR A 151 11.14 -21.90 12.64
C THR A 151 12.13 -22.84 13.32
N ALA A 152 13.33 -22.96 12.77
CA ALA A 152 14.46 -23.77 13.31
C ALA A 152 14.82 -23.25 14.71
N ILE A 153 14.89 -21.93 14.84
CA ILE A 153 15.31 -21.25 16.09
C ILE A 153 14.28 -21.47 17.20
N MET A 154 13.00 -21.33 16.91
CA MET A 154 11.93 -21.57 17.91
C MET A 154 11.91 -23.05 18.33
N ASN A 155 12.15 -23.99 17.38
CA ASN A 155 12.23 -25.45 17.67
C ASN A 155 13.35 -25.73 18.67
N ALA A 156 14.52 -25.12 18.51
CA ALA A 156 15.65 -25.20 19.46
C ALA A 156 15.48 -24.28 20.67
N LYS A 157 14.35 -23.55 20.78
CA LYS A 157 14.03 -22.63 21.91
C LYS A 157 15.13 -21.58 22.10
N LYS A 158 15.85 -21.19 21.05
CA LYS A 158 16.95 -20.20 21.17
C LYS A 158 16.35 -18.79 21.17
N ALA A 159 17.12 -17.78 21.62
CA ALA A 159 16.70 -16.38 21.76
C ALA A 159 16.86 -15.65 20.43
N PRO A 160 16.09 -14.55 20.22
CA PRO A 160 16.20 -13.76 18.99
C PRO A 160 17.31 -12.71 19.00
N ARG A 161 18.03 -12.57 20.13
CA ARG A 161 19.29 -11.80 20.24
C ARG A 161 20.36 -12.72 20.83
N PHE A 162 21.63 -12.49 20.46
CA PHE A 162 22.83 -13.00 21.15
C PHE A 162 22.98 -12.26 22.50
N LEU A 163 23.84 -12.73 23.40
CA LEU A 163 23.96 -12.21 24.80
C LEU A 163 24.51 -10.77 24.79
N ASP A 164 25.34 -10.42 23.83
CA ASP A 164 25.90 -9.04 23.67
C ASP A 164 24.82 -8.16 23.01
N MET A 165 23.65 -8.74 22.71
CA MET A 165 22.38 -8.04 22.34
C MET A 165 22.35 -7.68 20.85
N ARG A 166 23.34 -8.08 20.05
CA ARG A 166 23.22 -8.11 18.56
C ARG A 166 21.91 -8.82 18.20
N ARG A 167 21.19 -8.31 17.20
CA ARG A 167 19.91 -8.91 16.78
C ARG A 167 20.22 -10.16 15.95
N ALA A 168 19.41 -11.21 16.07
CA ALA A 168 19.44 -12.43 15.24
C ALA A 168 18.29 -12.43 14.22
N THR A 169 17.05 -12.25 14.69
CA THR A 169 15.81 -12.20 13.87
C THR A 169 14.86 -11.12 14.38
N ASN A 170 13.72 -11.02 13.71
CA ASN A 170 12.52 -10.25 14.15
C ASN A 170 11.94 -10.86 15.43
N TYR A 171 11.27 -10.05 16.24
CA TYR A 171 10.54 -10.50 17.44
C TYR A 171 9.63 -9.41 18.00
N ALA A 172 8.63 -9.82 18.75
CA ALA A 172 7.75 -8.99 19.58
C ALA A 172 7.89 -9.45 21.03
N TRP A 173 6.92 -9.14 21.88
CA TRP A 173 7.05 -9.23 23.34
C TRP A 173 5.84 -9.93 23.93
N HIS A 174 6.10 -10.71 24.99
CA HIS A 174 5.13 -11.19 26.00
C HIS A 174 5.27 -10.31 27.25
N PHE A 175 4.19 -10.01 27.95
CA PHE A 175 4.31 -9.36 29.27
C PHE A 175 3.03 -9.43 30.07
N ASP A 176 3.18 -9.11 31.36
CA ASP A 176 2.08 -8.77 32.31
C ASP A 176 1.57 -7.39 31.91
N ALA A 177 0.29 -7.32 31.55
CA ALA A 177 -0.39 -6.10 31.06
C ALA A 177 -0.40 -5.05 32.16
N SER A 178 -0.83 -5.42 33.36
CA SER A 178 -1.04 -4.49 34.50
C SER A 178 0.29 -3.84 34.92
N LYS A 179 1.40 -4.59 34.89
CA LYS A 179 2.75 -4.04 35.15
C LYS A 179 3.14 -2.98 34.10
N VAL A 180 2.78 -3.19 32.83
CA VAL A 180 3.03 -2.22 31.72
C VAL A 180 2.17 -0.97 31.97
N ALA A 181 0.90 -1.16 32.23
CA ALA A 181 -0.03 -0.08 32.61
C ALA A 181 0.57 0.76 33.73
N ALA A 182 1.16 0.14 34.75
CA ALA A 182 1.78 0.79 35.93
C ALA A 182 3.05 1.52 35.50
N PHE A 183 3.92 0.87 34.74
CA PHE A 183 5.14 1.53 34.21
C PHE A 183 4.74 2.77 33.41
N LEU A 184 3.66 2.66 32.65
CA LEU A 184 3.18 3.77 31.78
C LEU A 184 2.48 4.84 32.63
N ARG A 185 1.59 4.49 33.57
CA ARG A 185 0.97 5.48 34.49
C ARG A 185 2.09 6.37 35.05
N ASN A 186 3.13 5.72 35.57
CA ASN A 186 4.19 6.38 36.35
C ASN A 186 4.99 7.26 35.39
N PHE A 187 5.29 6.75 34.20
CA PHE A 187 5.94 7.56 33.15
C PHE A 187 5.13 8.85 32.93
N ALA A 188 3.83 8.71 32.66
CA ALA A 188 2.90 9.78 32.22
C ALA A 188 2.78 10.84 33.30
N VAL A 189 2.70 10.42 34.57
CA VAL A 189 2.47 11.35 35.74
C VAL A 189 3.76 12.11 36.05
N THR A 190 4.90 11.43 36.21
CA THR A 190 6.21 12.04 36.56
C THR A 190 6.81 12.84 35.40
N LYS A 191 6.87 12.29 34.19
CA LYS A 191 7.67 12.88 33.08
C LYS A 191 6.79 13.60 32.05
N GLN A 192 5.45 13.49 32.10
CA GLN A 192 4.56 14.08 31.07
C GLN A 192 3.43 14.96 31.67
N ALA A 193 3.45 15.25 32.98
CA ALA A 193 2.49 16.17 33.65
C ALA A 193 1.03 15.78 33.36
N VAL A 194 0.73 14.50 33.28
CA VAL A 194 -0.66 13.97 33.24
C VAL A 194 -1.24 14.04 34.67
N GLU A 195 -2.52 14.38 34.82
CA GLU A 195 -3.22 14.38 36.13
C GLU A 195 -3.99 13.07 36.33
N HIS A 196 -3.55 12.28 37.31
CA HIS A 196 -4.16 10.98 37.68
C HIS A 196 -5.23 11.22 38.74
N VAL A 197 -6.51 10.98 38.42
CA VAL A 197 -7.65 11.08 39.40
C VAL A 197 -8.20 9.68 39.68
N GLU A 198 -7.91 9.12 40.85
CA GLU A 198 -8.33 7.75 41.29
C GLU A 198 -9.72 7.85 41.91
N ASP A 199 -10.76 7.56 41.14
CA ASP A 199 -12.17 7.70 41.59
C ASP A 199 -13.06 7.02 40.55
N GLU A 200 -14.35 6.85 40.84
CA GLU A 200 -15.35 6.33 39.89
C GLU A 200 -16.01 7.50 39.16
N MET A 201 -16.44 7.26 37.93
CA MET A 201 -17.33 8.14 37.15
C MET A 201 -18.79 7.76 37.51
N THR A 202 -19.65 8.76 37.64
CA THR A 202 -21.08 8.59 38.00
C THR A 202 -22.00 9.33 37.02
N GLU A 203 -21.54 10.40 36.38
CA GLU A 203 -22.37 11.21 35.45
C GLU A 203 -21.53 11.64 34.26
N VAL A 204 -22.14 11.66 33.09
CA VAL A 204 -21.54 12.19 31.85
C VAL A 204 -22.40 13.40 31.49
N LEU A 205 -21.82 14.59 31.59
CA LEU A 205 -22.53 15.86 31.32
C LEU A 205 -22.31 16.21 29.85
N THR A 206 -23.39 16.64 29.19
CA THR A 206 -23.51 16.85 27.71
C THR A 206 -24.23 18.17 27.38
N ASP A 207 -23.93 18.74 26.22
CA ASP A 207 -24.59 19.97 25.74
C ASP A 207 -25.82 19.61 24.90
N GLU A 208 -26.43 20.63 24.28
CA GLU A 208 -27.68 20.55 23.47
C GLU A 208 -27.45 19.63 22.28
N ARG A 209 -26.23 19.63 21.74
CA ARG A 209 -25.82 18.80 20.57
C ARG A 209 -25.44 17.37 21.00
N GLY A 210 -25.35 17.06 22.29
CA GLY A 210 -24.96 15.72 22.79
C GLY A 210 -23.45 15.50 22.89
N PHE A 211 -22.62 16.53 22.71
CA PHE A 211 -21.14 16.53 22.98
C PHE A 211 -20.93 16.57 24.49
N ILE A 212 -19.91 15.85 24.99
CA ILE A 212 -19.61 15.72 26.44
C ILE A 212 -18.90 17.01 26.86
N THR A 213 -19.21 17.51 28.06
CA THR A 213 -18.63 18.78 28.59
C THR A 213 -17.80 18.49 29.83
N ALA A 214 -18.21 17.50 30.61
CA ALA A 214 -17.43 17.01 31.77
C ALA A 214 -17.94 15.63 32.20
N LEU A 215 -17.18 14.98 33.08
CA LEU A 215 -17.56 13.73 33.79
C LEU A 215 -17.65 14.07 35.27
N ARG A 216 -18.72 13.63 35.95
CA ARG A 216 -18.76 13.69 37.43
C ARG A 216 -18.18 12.40 38.03
N THR A 217 -17.33 12.54 39.06
CA THR A 217 -16.78 11.45 39.88
C THR A 217 -17.66 11.20 41.10
N LYS A 218 -17.44 10.08 41.79
CA LYS A 218 -18.21 9.68 43.00
C LYS A 218 -17.94 10.66 44.16
N SER A 219 -16.72 11.18 44.28
CA SER A 219 -16.34 12.14 45.34
C SER A 219 -16.94 13.52 45.06
N GLY A 220 -17.77 13.65 44.02
CA GLY A 220 -18.52 14.89 43.70
C GLY A 220 -17.80 15.77 42.70
N ARG A 221 -16.49 15.59 42.56
CA ARG A 221 -15.59 16.41 41.71
C ARG A 221 -16.01 16.32 40.24
N ILE A 222 -15.92 17.41 39.49
CA ILE A 222 -16.30 17.50 38.06
C ILE A 222 -15.06 17.79 37.19
N LEU A 223 -14.73 16.89 36.27
CA LEU A 223 -13.59 16.99 35.32
C LEU A 223 -14.10 17.55 33.98
N GLN A 224 -13.89 18.83 33.72
CA GLN A 224 -14.26 19.43 32.40
C GLN A 224 -13.21 19.02 31.37
N GLY A 225 -13.62 18.94 30.10
CA GLY A 225 -12.71 18.72 28.98
C GLY A 225 -13.42 18.94 27.67
N ASP A 226 -12.66 18.91 26.56
CA ASP A 226 -13.17 19.20 25.19
C ASP A 226 -13.20 17.94 24.33
N LEU A 227 -12.41 16.92 24.67
CA LEU A 227 -12.36 15.60 23.97
C LEU A 227 -12.27 14.50 25.03
N PHE A 228 -13.02 13.44 24.84
CA PHE A 228 -13.12 12.34 25.84
C PHE A 228 -12.69 11.07 25.13
N VAL A 229 -11.84 10.29 25.79
CA VAL A 229 -11.40 8.98 25.30
C VAL A 229 -12.00 7.90 26.21
N ASP A 230 -12.96 7.14 25.68
CA ASP A 230 -13.56 5.98 26.38
C ASP A 230 -12.59 4.80 26.34
N CYS A 231 -11.82 4.59 27.41
CA CYS A 231 -10.95 3.40 27.66
C CYS A 231 -11.55 2.60 28.83
N SER A 232 -12.89 2.52 28.90
CA SER A 232 -13.65 2.02 30.08
C SER A 232 -13.81 0.51 30.03
N GLY A 233 -13.26 -0.15 29.01
CA GLY A 233 -13.43 -1.60 28.79
C GLY A 233 -14.75 -1.91 28.08
N PHE A 234 -15.28 -3.11 28.28
CA PHE A 234 -16.47 -3.62 27.54
C PHE A 234 -17.69 -2.75 27.83
N ARG A 235 -17.78 -2.17 29.03
CA ARG A 235 -19.01 -1.46 29.49
C ARG A 235 -19.25 -0.26 28.58
N GLY A 236 -18.19 0.31 28.00
CA GLY A 236 -18.32 1.40 27.02
C GLY A 236 -19.14 2.55 27.60
N LEU A 237 -18.77 2.98 28.80
CA LEU A 237 -19.55 3.93 29.64
C LEU A 237 -19.79 5.25 28.90
N LEU A 238 -18.87 5.68 28.03
CA LEU A 238 -19.07 6.90 27.21
C LEU A 238 -19.65 6.53 25.84
N ILE A 239 -19.00 5.64 25.09
CA ILE A 239 -19.31 5.46 23.64
C ILE A 239 -20.68 4.76 23.53
N ASN A 240 -20.97 3.73 24.34
CA ASN A 240 -22.21 2.91 24.24
C ASN A 240 -23.33 3.48 25.10
N LYS A 241 -23.10 3.58 26.42
CA LYS A 241 -24.07 4.12 27.41
C LYS A 241 -24.43 5.58 27.05
N ALA A 242 -23.52 6.51 27.26
CA ALA A 242 -23.83 7.96 27.28
C ALA A 242 -24.10 8.44 25.87
N MET A 243 -23.21 8.14 24.91
CA MET A 243 -23.36 8.53 23.49
C MET A 243 -24.44 7.68 22.77
N GLU A 244 -24.78 6.49 23.25
CA GLU A 244 -25.86 5.62 22.70
C GLU A 244 -25.48 5.12 21.31
N GLU A 245 -24.18 4.89 21.08
CA GLU A 245 -23.67 4.28 19.84
C GLU A 245 -23.78 2.76 19.96
N PRO A 246 -24.46 2.12 18.98
CA PRO A 246 -24.69 0.68 19.01
C PRO A 246 -23.40 -0.12 18.72
N PHE A 247 -23.24 -1.21 19.47
CA PHE A 247 -22.18 -2.22 19.23
C PHE A 247 -22.67 -3.14 18.13
N ILE A 248 -21.80 -3.54 17.21
CA ILE A 248 -22.20 -4.50 16.13
C ILE A 248 -21.61 -5.84 16.52
N ASP A 249 -22.43 -6.69 17.13
CA ASP A 249 -22.06 -8.06 17.56
C ASP A 249 -21.70 -8.88 16.32
N MET A 250 -20.56 -9.57 16.35
CA MET A 250 -20.03 -10.26 15.16
C MET A 250 -19.75 -11.73 15.49
N SER A 251 -20.63 -12.34 16.29
CA SER A 251 -20.61 -13.77 16.64
C SER A 251 -21.18 -14.58 15.44
N ASP A 252 -21.66 -13.91 14.40
CA ASP A 252 -22.00 -14.54 13.10
C ASP A 252 -20.70 -14.89 12.36
N HIS A 253 -19.53 -14.42 12.83
CA HIS A 253 -18.19 -14.59 12.18
C HIS A 253 -17.23 -15.36 13.09
N LEU A 254 -17.27 -15.14 14.41
CA LEU A 254 -16.46 -15.91 15.40
C LEU A 254 -17.37 -16.29 16.58
N LEU A 255 -17.12 -17.44 17.20
CA LEU A 255 -18.12 -18.08 18.09
C LEU A 255 -17.63 -17.95 19.51
N CYS A 256 -16.33 -17.80 19.70
CA CYS A 256 -15.75 -17.67 21.06
C CYS A 256 -16.24 -16.36 21.67
N ASN A 257 -16.56 -16.37 22.96
CA ASN A 257 -17.16 -15.20 23.66
C ASN A 257 -16.90 -15.29 25.16
N SER A 258 -15.98 -16.15 25.60
CA SER A 258 -15.63 -16.35 27.02
C SER A 258 -14.18 -16.81 27.10
N ALA A 259 -13.55 -16.61 28.25
CA ALA A 259 -12.24 -17.22 28.57
C ALA A 259 -12.18 -17.53 30.07
N VAL A 260 -11.27 -18.43 30.41
CA VAL A 260 -10.91 -18.75 31.82
C VAL A 260 -9.41 -18.92 31.82
N ALA A 261 -8.71 -18.11 32.62
CA ALA A 261 -7.26 -17.88 32.47
C ALA A 261 -6.57 -18.00 33.83
N THR A 262 -5.25 -18.00 33.83
CA THR A 262 -4.43 -17.98 35.06
C THR A 262 -2.95 -17.96 34.68
N ALA A 263 -2.09 -17.72 35.68
CA ALA A 263 -0.62 -17.89 35.60
C ALA A 263 -0.29 -19.25 36.20
N VAL A 264 0.73 -19.91 35.62
CA VAL A 264 1.18 -21.28 35.98
C VAL A 264 2.66 -21.16 36.24
N PRO A 265 3.16 -21.41 37.47
CA PRO A 265 4.61 -21.33 37.72
C PRO A 265 5.28 -22.40 36.85
N HIS A 266 6.58 -22.26 36.54
CA HIS A 266 7.23 -23.02 35.44
C HIS A 266 8.72 -23.21 35.72
N ASP A 267 9.19 -24.45 35.62
CA ASP A 267 10.63 -24.79 35.80
C ASP A 267 11.41 -24.31 34.56
N ASP A 268 11.77 -23.03 34.53
CA ASP A 268 12.48 -22.38 33.40
C ASP A 268 13.87 -23.01 33.20
N GLU A 269 14.51 -23.57 34.21
CA GLU A 269 15.88 -24.14 34.06
C GLU A 269 15.75 -25.57 33.51
N LYS A 270 14.70 -26.28 33.91
CA LYS A 270 14.42 -27.67 33.48
C LYS A 270 13.96 -27.66 32.01
N ASN A 271 12.80 -27.03 31.71
CA ASN A 271 12.07 -27.10 30.39
C ASN A 271 12.64 -26.14 29.33
N GLY A 272 13.38 -25.10 29.73
CA GLY A 272 13.70 -23.95 28.86
C GLY A 272 12.48 -23.05 28.68
N VAL A 273 12.67 -21.88 28.05
CA VAL A 273 11.53 -20.94 27.76
C VAL A 273 11.31 -20.95 26.25
N GLU A 274 10.06 -21.16 25.84
CA GLU A 274 9.65 -20.99 24.42
C GLU A 274 9.59 -19.51 24.02
N PRO A 275 10.40 -19.06 23.03
CA PRO A 275 10.33 -17.69 22.53
C PRO A 275 9.19 -17.52 21.52
N TYR A 276 7.96 -17.76 21.98
CA TYR A 276 6.74 -17.73 21.14
C TYR A 276 5.48 -18.01 21.97
N THR A 277 4.35 -17.60 21.42
CA THR A 277 2.99 -17.83 21.96
C THR A 277 2.48 -19.11 21.31
N SER A 278 1.84 -19.99 22.10
CA SER A 278 1.25 -21.26 21.62
C SER A 278 -0.28 -21.11 21.65
N SER A 279 -0.96 -21.46 20.57
CA SER A 279 -2.43 -21.57 20.47
C SER A 279 -2.81 -23.07 20.43
N ILE A 280 -3.05 -23.65 21.61
CA ILE A 280 -3.35 -25.10 21.83
C ILE A 280 -4.84 -25.33 21.66
N ALA A 281 -5.22 -26.08 20.62
CA ALA A 281 -6.63 -26.31 20.24
C ALA A 281 -7.31 -27.23 21.26
N MET A 282 -8.54 -26.88 21.63
CA MET A 282 -9.39 -27.60 22.60
C MET A 282 -10.67 -28.04 21.88
N GLU A 283 -11.61 -28.63 22.63
CA GLU A 283 -12.84 -29.22 22.05
C GLU A 283 -13.83 -28.10 21.74
N ALA A 284 -13.91 -27.08 22.59
CA ALA A 284 -14.93 -25.99 22.47
C ALA A 284 -14.25 -24.66 22.16
N GLY A 285 -12.93 -24.66 22.03
CA GLY A 285 -12.16 -23.53 21.46
C GLY A 285 -10.67 -23.81 21.45
N TRP A 286 -9.89 -22.94 22.08
CA TRP A 286 -8.41 -23.01 22.08
C TRP A 286 -7.87 -22.37 23.37
N THR A 287 -6.58 -22.53 23.61
CA THR A 287 -5.91 -22.11 24.87
C THR A 287 -4.58 -21.46 24.51
N TRP A 288 -4.32 -20.23 24.98
CA TRP A 288 -3.06 -19.50 24.77
C TRP A 288 -2.06 -19.98 25.80
N LYS A 289 -0.77 -19.96 25.43
CA LYS A 289 0.36 -20.09 26.36
C LYS A 289 1.36 -18.98 26.02
N ILE A 290 1.65 -18.17 27.03
CA ILE A 290 2.46 -16.93 26.90
C ILE A 290 3.54 -17.01 27.97
N PRO A 291 4.72 -17.55 27.59
CA PRO A 291 5.84 -17.69 28.52
C PRO A 291 6.37 -16.31 28.91
N MET A 292 6.54 -16.10 30.23
CA MET A 292 7.33 -14.99 30.81
C MET A 292 8.44 -15.62 31.66
N LEU A 293 9.33 -14.83 32.28
CA LEU A 293 10.33 -15.41 33.21
C LEU A 293 9.57 -15.90 34.45
N GLY A 294 9.75 -17.18 34.80
CA GLY A 294 9.26 -17.79 36.05
C GLY A 294 7.94 -18.49 35.86
N ARG A 295 7.04 -17.90 35.10
CA ARG A 295 5.66 -18.39 34.92
C ARG A 295 5.33 -18.40 33.42
N PHE A 296 4.11 -18.84 33.09
CA PHE A 296 3.48 -18.64 31.77
C PHE A 296 2.02 -18.28 31.97
N GLY A 297 1.55 -17.29 31.25
CA GLY A 297 0.13 -16.96 31.18
C GLY A 297 -0.56 -17.94 30.25
N SER A 298 -1.72 -18.43 30.66
CA SER A 298 -2.58 -19.28 29.80
C SER A 298 -4.05 -18.93 30.01
N GLY A 299 -4.87 -19.21 29.01
CA GLY A 299 -6.33 -19.08 29.12
C GLY A 299 -7.03 -19.84 28.01
N HIS A 300 -8.04 -20.63 28.38
CA HIS A 300 -8.92 -21.36 27.44
C HIS A 300 -9.95 -20.36 26.93
N VAL A 301 -9.87 -19.98 25.68
CA VAL A 301 -10.94 -19.19 25.00
C VAL A 301 -11.96 -20.19 24.52
N TYR A 302 -13.25 -20.00 24.82
CA TYR A 302 -14.32 -20.94 24.41
C TYR A 302 -15.59 -20.18 24.08
N SER A 303 -16.50 -20.85 23.37
CA SER A 303 -17.93 -20.47 23.27
C SER A 303 -18.71 -21.06 24.46
N ASP A 304 -19.57 -20.25 25.10
CA ASP A 304 -20.48 -20.69 26.19
C ASP A 304 -21.72 -21.39 25.58
N HIS A 305 -21.92 -21.29 24.26
CA HIS A 305 -22.99 -22.00 23.49
C HIS A 305 -22.58 -23.47 23.22
N PHE A 306 -21.33 -23.86 23.52
CA PHE A 306 -20.78 -25.21 23.21
C PHE A 306 -20.02 -25.78 24.41
N ALA A 307 -19.78 -24.96 25.44
CA ALA A 307 -19.28 -25.44 26.74
C ALA A 307 -19.80 -24.52 27.84
N THR A 308 -20.14 -25.09 28.98
CA THR A 308 -20.43 -24.34 30.22
C THR A 308 -19.08 -23.91 30.80
N GLN A 309 -19.14 -22.96 31.73
CA GLN A 309 -17.95 -22.44 32.43
C GLN A 309 -17.21 -23.60 33.12
N ASP A 310 -17.96 -24.56 33.68
CA ASP A 310 -17.38 -25.73 34.40
C ASP A 310 -16.62 -26.58 33.39
N GLU A 311 -17.35 -26.98 32.34
CA GLU A 311 -16.83 -27.83 31.24
C GLU A 311 -15.49 -27.25 30.82
N ALA A 312 -15.46 -25.94 30.55
CA ALA A 312 -14.28 -25.20 30.06
C ALA A 312 -13.16 -25.24 31.12
N THR A 313 -13.50 -24.96 32.38
CA THR A 313 -12.52 -24.84 33.49
C THR A 313 -11.86 -26.20 33.73
N LEU A 314 -12.66 -27.27 33.69
CA LEU A 314 -12.16 -28.66 33.90
C LEU A 314 -11.15 -28.98 32.80
N ALA A 315 -11.58 -28.86 31.53
CA ALA A 315 -10.78 -29.10 30.29
C ALA A 315 -9.46 -28.32 30.36
N PHE A 316 -9.54 -27.07 30.81
CA PHE A 316 -8.40 -26.11 30.92
C PHE A 316 -7.45 -26.60 32.03
N SER A 317 -8.00 -27.03 33.15
CA SER A 317 -7.23 -27.54 34.33
C SER A 317 -6.57 -28.88 33.95
N LYS A 318 -7.34 -29.75 33.30
CA LYS A 318 -6.87 -31.06 32.77
C LYS A 318 -5.60 -30.82 31.94
N LEU A 319 -5.67 -29.93 30.94
CA LEU A 319 -4.53 -29.53 30.05
C LEU A 319 -3.21 -29.48 30.83
N TRP A 320 -3.15 -28.71 31.92
CA TRP A 320 -1.86 -28.32 32.58
C TRP A 320 -1.58 -29.15 33.84
N GLY A 321 -2.47 -30.11 34.17
CA GLY A 321 -2.38 -30.89 35.42
C GLY A 321 -2.56 -29.98 36.63
N LEU A 322 -3.61 -29.15 36.61
CA LEU A 322 -3.92 -28.21 37.70
C LEU A 322 -5.10 -28.77 38.48
N ASP A 323 -5.16 -28.43 39.77
CA ASP A 323 -6.26 -28.83 40.68
C ASP A 323 -7.34 -27.75 40.61
N PRO A 324 -8.54 -28.03 40.04
CA PRO A 324 -9.59 -27.01 39.90
C PRO A 324 -10.02 -26.26 41.19
N ASP A 325 -9.92 -26.90 42.36
CA ASP A 325 -10.45 -26.36 43.65
C ASP A 325 -9.30 -25.76 44.48
N ASN A 326 -8.07 -25.74 43.94
CA ASN A 326 -6.87 -25.12 44.59
C ASN A 326 -6.08 -24.32 43.53
N THR A 327 -6.79 -23.69 42.59
CA THR A 327 -6.19 -22.91 41.47
C THR A 327 -6.95 -21.61 41.23
N GLU A 328 -6.23 -20.48 41.19
CA GLU A 328 -6.81 -19.12 41.08
C GLU A 328 -7.15 -18.82 39.60
N PHE A 329 -8.43 -18.61 39.29
CA PHE A 329 -8.97 -18.41 37.91
C PHE A 329 -9.61 -17.03 37.74
N ASN A 330 -9.32 -16.36 36.61
CA ASN A 330 -10.07 -15.20 36.06
C ASN A 330 -11.06 -15.73 35.02
N HIS A 331 -12.33 -15.33 35.12
CA HIS A 331 -13.43 -15.70 34.19
C HIS A 331 -13.96 -14.44 33.50
N VAL A 332 -13.56 -14.22 32.25
CA VAL A 332 -14.06 -13.12 31.39
C VAL A 332 -15.21 -13.64 30.53
N ARG A 333 -16.18 -12.78 30.24
CA ARG A 333 -17.28 -13.00 29.27
C ARG A 333 -17.26 -11.80 28.34
N PHE A 334 -16.36 -11.79 27.38
CA PHE A 334 -16.19 -10.66 26.44
C PHE A 334 -17.25 -10.66 25.35
N ARG A 335 -17.40 -9.48 24.75
CA ARG A 335 -18.22 -9.23 23.54
C ARG A 335 -17.25 -9.22 22.36
N VAL A 336 -17.65 -9.76 21.22
CA VAL A 336 -16.85 -9.81 19.99
C VAL A 336 -17.54 -8.95 18.93
N GLY A 337 -16.84 -7.93 18.45
CA GLY A 337 -17.32 -7.02 17.39
C GLY A 337 -16.73 -5.64 17.58
N ARG A 338 -17.40 -4.62 17.04
CA ARG A 338 -16.95 -3.21 17.10
C ARG A 338 -18.16 -2.25 17.09
N ASN A 339 -17.98 -1.08 17.68
CA ASN A 339 -18.99 0.00 17.63
C ASN A 339 -19.30 0.28 16.15
N ARG A 340 -20.55 0.58 15.81
CA ARG A 340 -20.90 1.06 14.46
C ARG A 340 -19.86 2.13 14.05
N ARG A 341 -19.51 3.02 14.98
CA ARG A 341 -18.46 4.06 14.81
C ARG A 341 -17.62 4.15 16.08
N ALA A 342 -16.30 4.29 15.95
CA ALA A 342 -15.38 4.32 17.12
C ALA A 342 -15.44 5.71 17.79
N TRP A 343 -15.62 6.74 16.98
CA TRP A 343 -15.53 8.17 17.37
C TRP A 343 -16.87 8.80 17.00
N VAL A 344 -17.66 9.15 18.02
CA VAL A 344 -18.94 9.89 17.91
C VAL A 344 -18.80 11.25 18.60
N ARG A 345 -19.12 12.29 17.85
CA ARG A 345 -19.05 13.70 18.29
C ARG A 345 -17.66 13.98 18.84
N ASN A 346 -17.46 13.90 20.16
CA ASN A 346 -16.19 14.24 20.86
C ASN A 346 -15.83 13.13 21.85
N CYS A 347 -16.31 11.90 21.57
CA CYS A 347 -15.98 10.66 22.32
C CYS A 347 -15.29 9.67 21.40
N VAL A 348 -14.02 9.38 21.68
CA VAL A 348 -13.17 8.42 20.92
C VAL A 348 -12.97 7.18 21.77
N SER A 349 -13.56 6.07 21.36
CA SER A 349 -13.33 4.72 21.95
C SER A 349 -11.97 4.16 21.49
N VAL A 350 -11.21 3.65 22.45
CA VAL A 350 -9.90 2.98 22.31
C VAL A 350 -9.92 1.74 23.19
N GLY A 351 -9.31 0.63 22.72
CA GLY A 351 -9.31 -0.67 23.43
C GLY A 351 -10.66 -1.37 23.39
N LEU A 352 -10.97 -2.13 24.43
CA LEU A 352 -12.18 -3.00 24.51
C LEU A 352 -13.47 -2.20 24.31
N ALA A 353 -13.49 -0.92 24.68
CA ALA A 353 -14.66 -0.02 24.47
C ALA A 353 -14.92 0.27 22.99
N SER A 354 -13.87 0.15 22.14
CA SER A 354 -13.92 0.34 20.67
C SER A 354 -14.35 -0.96 20.00
N CYS A 355 -13.69 -2.08 20.35
CA CYS A 355 -13.75 -3.36 19.57
C CYS A 355 -12.90 -4.50 20.18
N PHE A 356 -13.22 -5.73 19.84
CA PHE A 356 -12.48 -6.94 20.33
C PHE A 356 -12.69 -8.14 19.43
N VAL A 357 -11.68 -8.99 19.46
CA VAL A 357 -11.63 -10.37 18.90
C VAL A 357 -10.80 -11.17 19.89
N GLU A 358 -11.07 -12.47 20.01
CA GLU A 358 -10.16 -13.42 20.70
C GLU A 358 -8.71 -13.05 20.37
N PRO A 359 -7.78 -13.20 21.35
CA PRO A 359 -6.36 -12.92 21.16
C PRO A 359 -5.57 -14.00 20.39
N LEU A 360 -6.19 -14.50 19.33
CA LEU A 360 -5.69 -15.63 18.52
C LEU A 360 -4.41 -15.20 17.76
N GLU A 361 -4.36 -13.95 17.31
CA GLU A 361 -3.19 -13.41 16.58
C GLU A 361 -2.73 -12.09 17.23
N SER A 362 -2.71 -12.04 18.56
CA SER A 362 -2.15 -10.93 19.36
C SER A 362 -2.64 -9.56 18.81
N SER A 363 -3.95 -9.34 18.79
CA SER A 363 -4.59 -8.15 18.18
C SER A 363 -4.88 -7.03 19.20
N GLY A 364 -4.83 -7.30 20.49
CA GLY A 364 -5.39 -6.40 21.52
C GLY A 364 -4.68 -5.06 21.60
N ILE A 365 -3.38 -5.13 21.85
CA ILE A 365 -2.52 -3.92 22.03
C ILE A 365 -2.29 -3.22 20.69
N TYR A 366 -2.19 -3.97 19.60
CA TYR A 366 -1.99 -3.39 18.27
C TYR A 366 -3.22 -2.51 17.98
N PHE A 367 -4.41 -2.99 18.31
CA PHE A 367 -5.67 -2.22 18.10
C PHE A 367 -5.61 -0.89 18.85
N ILE A 368 -5.09 -0.92 20.06
CA ILE A 368 -4.93 0.28 20.94
C ILE A 368 -3.93 1.25 20.26
N TYR A 369 -2.68 0.80 20.02
CA TYR A 369 -1.65 1.56 19.28
C TYR A 369 -2.19 2.13 17.96
N ALA A 370 -2.94 1.35 17.18
CA ALA A 370 -3.44 1.78 15.86
C ALA A 370 -4.36 2.97 16.08
N ALA A 371 -5.33 2.85 17.01
CA ALA A 371 -6.32 3.91 17.32
C ALA A 371 -5.62 5.19 17.83
N ILE A 372 -4.66 5.09 18.74
CA ILE A 372 -4.04 6.32 19.32
C ILE A 372 -3.19 7.00 18.23
N HIS A 373 -2.51 6.20 17.43
CA HIS A 373 -1.74 6.68 16.27
C HIS A 373 -2.70 7.45 15.38
N MET A 374 -3.88 6.87 15.15
CA MET A 374 -4.84 7.44 14.19
C MET A 374 -5.54 8.66 14.85
N LEU A 375 -5.68 8.66 16.17
CA LEU A 375 -6.23 9.82 16.91
C LEU A 375 -5.26 11.00 16.78
N ALA A 376 -4.01 10.80 17.14
CA ALA A 376 -2.96 11.83 16.92
C ALA A 376 -3.01 12.36 15.47
N LYS A 377 -3.17 11.50 14.46
CA LYS A 377 -3.08 11.94 13.04
C LYS A 377 -4.33 12.74 12.68
N HIS A 378 -5.48 12.36 13.18
CA HIS A 378 -6.77 13.01 12.86
C HIS A 378 -7.20 13.93 14.02
N PHE A 379 -6.27 14.39 14.85
CA PHE A 379 -6.63 15.11 16.10
C PHE A 379 -7.46 16.33 15.71
N PRO A 380 -8.60 16.57 16.39
CA PRO A 380 -9.51 17.64 16.04
C PRO A 380 -9.21 18.98 16.73
N ASP A 381 -9.84 20.06 16.26
CA ASP A 381 -10.03 21.32 17.04
C ASP A 381 -11.48 21.26 17.52
N LYS A 382 -11.99 22.33 18.14
CA LYS A 382 -13.29 22.28 18.86
C LYS A 382 -14.42 22.21 17.84
N THR A 383 -14.16 22.52 16.55
CA THR A 383 -15.18 22.44 15.47
C THR A 383 -15.49 20.97 15.12
N PHE A 384 -14.62 20.03 15.53
CA PHE A 384 -14.76 18.57 15.27
C PHE A 384 -15.22 18.30 13.86
N ASP A 385 -14.43 18.74 12.87
CA ASP A 385 -14.68 18.51 11.42
C ASP A 385 -15.18 17.07 11.24
N LYS A 386 -16.29 16.89 10.51
CA LYS A 386 -16.98 15.57 10.35
C LYS A 386 -16.13 14.63 9.46
N VAL A 387 -15.36 15.18 8.52
CA VAL A 387 -14.48 14.40 7.60
C VAL A 387 -13.35 13.77 8.41
N LEU A 388 -12.69 14.56 9.26
CA LEU A 388 -11.64 14.08 10.21
C LEU A 388 -12.14 12.84 10.97
N VAL A 389 -13.30 12.95 11.57
CA VAL A 389 -13.92 11.87 12.40
C VAL A 389 -14.23 10.66 11.51
N ASP A 390 -14.74 10.92 10.31
CA ASP A 390 -15.19 9.87 9.37
C ASP A 390 -13.98 9.02 8.97
N ARG A 391 -12.87 9.68 8.59
CA ARG A 391 -11.64 9.00 8.16
C ARG A 391 -11.08 8.20 9.33
N PHE A 392 -11.09 8.74 10.53
CA PHE A 392 -10.61 7.99 11.71
C PHE A 392 -11.45 6.72 11.81
N ASN A 393 -12.77 6.86 11.63
CA ASN A 393 -13.75 5.76 11.79
C ASN A 393 -13.44 4.67 10.76
N ARG A 394 -13.22 5.10 9.52
CA ARG A 394 -12.92 4.24 8.36
C ARG A 394 -11.67 3.41 8.66
N GLU A 395 -10.59 4.02 9.15
CA GLU A 395 -9.33 3.29 9.42
C GLU A 395 -9.61 2.18 10.45
N ILE A 396 -10.39 2.45 11.48
CA ILE A 396 -10.65 1.50 12.59
C ILE A 396 -11.57 0.40 12.06
N GLU A 397 -12.55 0.75 11.23
CA GLU A 397 -13.56 -0.18 10.63
C GLU A 397 -12.81 -1.29 9.89
N GLU A 398 -11.98 -0.90 8.90
CA GLU A 398 -11.13 -1.76 8.03
C GLU A 398 -10.11 -2.54 8.86
N MET A 399 -9.38 -1.88 9.75
CA MET A 399 -8.37 -2.54 10.61
C MET A 399 -9.04 -3.75 11.24
N PHE A 400 -10.20 -3.51 11.85
CA PHE A 400 -10.90 -4.50 12.69
C PHE A 400 -11.46 -5.63 11.80
N ASP A 401 -12.20 -5.27 10.77
CA ASP A 401 -12.97 -6.22 9.91
C ASP A 401 -11.97 -7.13 9.20
N ASP A 402 -10.92 -6.56 8.60
CA ASP A 402 -9.90 -7.35 7.87
C ASP A 402 -9.33 -8.39 8.86
N THR A 403 -9.15 -8.03 10.14
CA THR A 403 -8.51 -8.90 11.17
C THR A 403 -9.52 -9.92 11.70
N ARG A 404 -10.81 -9.59 11.70
CA ARG A 404 -11.89 -10.53 12.03
C ARG A 404 -11.93 -11.64 10.95
N ASP A 405 -12.06 -11.22 9.70
CA ASP A 405 -11.99 -12.06 8.48
C ASP A 405 -10.79 -13.01 8.56
N PHE A 406 -9.62 -12.48 8.88
CA PHE A 406 -8.37 -13.26 8.96
C PHE A 406 -8.53 -14.33 10.03
N LEU A 407 -9.11 -13.96 11.16
CA LEU A 407 -9.28 -14.90 12.30
C LEU A 407 -10.29 -15.98 11.92
N GLN A 408 -11.36 -15.62 11.20
CA GLN A 408 -12.46 -16.56 10.82
C GLN A 408 -11.81 -17.69 10.02
N ALA A 409 -10.91 -17.35 9.09
CA ALA A 409 -10.14 -18.28 8.25
C ALA A 409 -9.54 -19.39 9.12
N HIS A 410 -9.01 -19.08 10.30
CA HIS A 410 -8.36 -20.08 11.17
C HIS A 410 -9.36 -21.20 11.48
N TYR A 411 -10.64 -20.84 11.56
CA TYR A 411 -11.76 -21.71 12.02
C TYR A 411 -12.43 -22.39 10.79
N TYR A 412 -12.86 -21.61 9.81
CA TYR A 412 -13.56 -22.10 8.61
C TYR A 412 -12.72 -23.16 7.89
N PHE A 413 -11.37 -23.03 7.92
CA PHE A 413 -10.42 -23.89 7.17
C PHE A 413 -9.66 -24.82 8.11
N SER A 414 -10.00 -24.89 9.40
CA SER A 414 -9.68 -26.09 10.20
C SER A 414 -10.45 -27.28 9.61
N PRO A 415 -9.77 -28.42 9.41
CA PRO A 415 -10.45 -29.65 8.99
C PRO A 415 -11.19 -30.35 10.14
N ARG A 416 -10.91 -30.02 11.42
CA ARG A 416 -11.51 -30.63 12.64
C ARG A 416 -13.04 -30.53 12.57
N VAL A 417 -13.73 -31.64 12.90
CA VAL A 417 -15.22 -31.77 12.90
C VAL A 417 -15.64 -32.72 14.02
N ASP A 418 -14.79 -33.05 14.99
CA ASP A 418 -15.13 -34.01 16.06
C ASP A 418 -16.26 -33.45 16.92
N THR A 419 -16.03 -32.30 17.56
CA THR A 419 -16.98 -31.68 18.52
C THR A 419 -17.95 -30.76 17.78
N PRO A 420 -19.14 -30.46 18.35
CA PRO A 420 -20.15 -29.66 17.67
C PRO A 420 -19.69 -28.21 17.41
N PHE A 421 -18.75 -27.72 18.24
CA PHE A 421 -18.05 -26.41 18.11
C PHE A 421 -17.36 -26.29 16.74
N TRP A 422 -16.44 -27.23 16.48
CA TRP A 422 -15.60 -27.21 15.24
C TRP A 422 -16.49 -27.33 14.01
N ARG A 423 -17.58 -28.10 14.10
CA ARG A 423 -18.54 -28.30 12.98
C ARG A 423 -19.32 -27.00 12.80
N ALA A 424 -19.68 -26.33 13.91
CA ALA A 424 -20.51 -25.10 13.93
C ALA A 424 -19.79 -24.01 13.15
N ASN A 425 -18.47 -23.91 13.31
CA ASN A 425 -17.62 -22.91 12.60
C ASN A 425 -17.85 -23.02 11.09
N LYS A 426 -18.03 -24.24 10.56
CA LYS A 426 -18.20 -24.48 9.09
C LYS A 426 -19.58 -24.01 8.62
N GLU A 427 -20.50 -23.66 9.53
CA GLU A 427 -21.89 -23.23 9.13
C GLU A 427 -21.99 -21.70 9.02
N LEU A 428 -21.01 -20.97 9.55
CA LEU A 428 -20.90 -19.48 9.42
C LEU A 428 -20.59 -19.15 7.96
N LYS A 429 -21.05 -18.00 7.48
CA LYS A 429 -20.68 -17.47 6.13
C LYS A 429 -19.35 -16.72 6.24
N LEU A 430 -18.45 -16.93 5.29
CA LEU A 430 -17.21 -16.13 5.15
C LEU A 430 -17.59 -14.76 4.59
N ALA A 431 -16.93 -13.70 5.02
CA ALA A 431 -17.15 -12.36 4.44
C ALA A 431 -16.65 -12.37 2.99
N ASP A 432 -17.22 -11.55 2.12
CA ASP A 432 -16.79 -11.42 0.70
C ASP A 432 -15.27 -11.19 0.61
N SER A 433 -14.67 -10.31 1.41
CA SER A 433 -13.24 -9.93 1.24
C SER A 433 -12.39 -11.20 1.36
N ILE A 434 -12.68 -12.10 2.30
CA ILE A 434 -11.84 -13.31 2.59
C ILE A 434 -12.13 -14.45 1.59
N LYS A 435 -13.36 -14.56 1.10
CA LYS A 435 -13.69 -15.50 -0.03
C LYS A 435 -12.83 -15.13 -1.24
N ASP A 436 -12.80 -13.84 -1.57
CA ASP A 436 -12.06 -13.33 -2.76
C ASP A 436 -10.57 -13.69 -2.61
N LYS A 437 -10.04 -13.59 -1.39
CA LYS A 437 -8.60 -13.81 -1.05
C LYS A 437 -8.27 -15.32 -1.16
N VAL A 438 -9.20 -16.19 -0.75
CA VAL A 438 -9.04 -17.65 -0.83
C VAL A 438 -9.05 -18.05 -2.30
N GLU A 439 -10.00 -17.54 -3.08
CA GLU A 439 -10.08 -17.76 -4.55
C GLU A 439 -8.73 -17.41 -5.17
N THR A 440 -8.06 -16.37 -4.71
CA THR A 440 -6.78 -15.86 -5.28
C THR A 440 -5.64 -16.84 -4.90
N TYR A 441 -5.53 -17.13 -3.61
CA TYR A 441 -4.55 -18.07 -3.05
C TYR A 441 -4.60 -19.40 -3.83
N ARG A 442 -5.82 -19.88 -4.11
CA ARG A 442 -6.16 -21.20 -4.66
C ARG A 442 -5.71 -21.28 -6.12
N ALA A 443 -5.70 -20.18 -6.85
CA ALA A 443 -5.20 -20.10 -8.23
C ALA A 443 -3.67 -19.96 -8.23
N GLY A 444 -3.03 -19.99 -7.05
CA GLY A 444 -1.57 -19.86 -6.89
C GLY A 444 -1.05 -18.42 -6.83
N LEU A 445 -1.91 -17.40 -7.01
CA LEU A 445 -1.50 -15.96 -6.99
C LEU A 445 -1.19 -15.53 -5.57
N PRO A 446 -0.23 -14.59 -5.40
CA PRO A 446 0.02 -13.99 -4.10
C PRO A 446 -1.20 -13.18 -3.64
N VAL A 447 -1.44 -13.18 -2.33
CA VAL A 447 -2.45 -12.37 -1.61
C VAL A 447 -1.70 -11.35 -0.76
N ASN A 448 -2.02 -10.05 -0.93
CA ASN A 448 -1.45 -8.94 -0.12
C ASN A 448 0.08 -8.98 -0.25
N LEU A 449 0.59 -8.90 -1.47
CA LEU A 449 2.04 -9.01 -1.76
C LEU A 449 2.75 -7.84 -1.09
N PRO A 450 3.75 -8.05 -0.20
CA PRO A 450 4.49 -6.93 0.36
C PRO A 450 5.16 -6.14 -0.77
N VAL A 451 5.11 -4.81 -0.68
CA VAL A 451 5.60 -3.90 -1.75
C VAL A 451 6.78 -3.08 -1.21
N THR A 452 7.49 -3.58 -0.20
CA THR A 452 8.45 -2.79 0.62
C THR A 452 9.38 -3.72 1.41
N ASP A 453 10.65 -3.37 1.55
CA ASP A 453 11.68 -4.03 2.39
C ASP A 453 11.18 -4.07 3.84
N GLU A 454 11.69 -4.99 4.67
CA GLU A 454 11.36 -5.05 6.11
C GLU A 454 11.73 -3.77 6.84
N GLY A 455 12.81 -3.12 6.42
CA GLY A 455 13.28 -1.89 7.10
C GLY A 455 12.17 -0.84 7.15
N THR A 456 11.52 -0.57 6.01
CA THR A 456 10.40 0.39 5.85
C THR A 456 9.14 -0.16 6.54
N TYR A 457 8.91 -1.45 6.40
CA TYR A 457 7.70 -2.12 6.93
C TYR A 457 7.60 -1.89 8.44
N TYR A 458 8.67 -2.15 9.20
CA TYR A 458 8.70 -2.05 10.67
C TYR A 458 9.23 -0.68 11.11
N GLY A 459 9.76 0.10 10.16
CA GLY A 459 10.28 1.44 10.43
C GLY A 459 9.17 2.49 10.42
N ASN A 460 8.30 2.42 9.43
CA ASN A 460 7.23 3.40 9.19
C ASN A 460 5.89 2.68 9.41
N PHE A 461 5.16 3.02 10.46
CA PHE A 461 3.94 2.29 10.86
C PHE A 461 2.92 2.33 9.71
N GLU A 462 2.83 3.46 9.04
CA GLU A 462 1.82 3.74 8.01
C GLU A 462 1.93 2.66 6.92
N ALA A 463 3.17 2.23 6.64
CA ALA A 463 3.55 1.16 5.68
C ALA A 463 3.00 -0.19 6.13
N GLU A 464 3.17 -0.52 7.41
CA GLU A 464 2.69 -1.79 8.00
C GLU A 464 1.17 -1.76 8.02
N PHE A 465 0.57 -0.59 8.33
CA PHE A 465 -0.91 -0.47 8.53
C PHE A 465 -1.64 -0.71 7.20
N ARG A 466 -1.03 -0.37 6.05
CA ARG A 466 -1.64 -0.51 4.69
C ARG A 466 -1.58 -1.96 4.24
N ASN A 467 -0.85 -2.83 4.97
CA ASN A 467 -0.58 -4.22 4.54
C ASN A 467 -0.23 -5.10 5.73
N PHE A 468 -1.10 -5.15 6.73
CA PHE A 468 -0.80 -5.77 8.05
C PHE A 468 -0.70 -7.28 7.88
N TRP A 469 -1.71 -7.93 7.27
CA TRP A 469 -1.66 -9.38 6.96
C TRP A 469 -1.09 -9.57 5.55
N THR A 470 0.21 -9.87 5.40
CA THR A 470 0.86 -10.03 4.06
C THR A 470 0.67 -11.46 3.55
N ASN A 471 1.06 -11.66 2.30
CA ASN A 471 1.17 -12.98 1.62
C ASN A 471 1.65 -14.06 2.57
N GLY A 472 2.78 -13.86 3.24
CA GLY A 472 3.38 -14.82 4.18
C GLY A 472 2.44 -15.20 5.31
N SER A 473 1.57 -14.28 5.74
CA SER A 473 0.67 -14.58 6.89
C SER A 473 -0.46 -15.46 6.37
N TYR A 474 -0.97 -15.18 5.17
CA TYR A 474 -2.01 -16.03 4.53
C TYR A 474 -1.42 -17.44 4.34
N TYR A 475 -0.19 -17.57 3.83
CA TYR A 475 0.42 -18.90 3.54
C TYR A 475 0.64 -19.62 4.87
N CYS A 476 1.13 -18.95 5.92
CA CYS A 476 1.36 -19.55 7.25
C CYS A 476 0.11 -20.28 7.76
N ILE A 477 -1.07 -19.69 7.57
CA ILE A 477 -2.35 -20.14 8.18
C ILE A 477 -3.01 -21.12 7.20
N PHE A 478 -3.31 -20.71 5.98
CA PHE A 478 -3.87 -21.63 4.95
C PHE A 478 -3.05 -22.91 4.92
N ALA A 479 -1.75 -22.82 4.61
CA ALA A 479 -0.89 -24.00 4.39
C ALA A 479 -0.71 -24.74 5.72
N GLY A 480 -0.76 -24.03 6.82
CA GLY A 480 -0.65 -24.60 8.18
C GLY A 480 -1.83 -25.50 8.50
N LEU A 481 -3.04 -25.07 8.14
CA LEU A 481 -4.30 -25.85 8.28
C LEU A 481 -4.47 -26.89 7.16
N GLY A 482 -3.67 -26.78 6.09
CA GLY A 482 -3.64 -27.73 4.98
C GLY A 482 -4.50 -27.31 3.79
N LEU A 483 -4.99 -26.08 3.75
CA LEU A 483 -5.53 -25.52 2.48
C LEU A 483 -4.33 -25.14 1.61
N MET A 484 -4.30 -25.63 0.36
CA MET A 484 -3.19 -25.44 -0.60
C MET A 484 -3.78 -24.82 -1.85
N PRO A 485 -2.97 -24.17 -2.69
CA PRO A 485 -3.41 -23.86 -4.04
C PRO A 485 -3.79 -25.16 -4.79
N ARG A 486 -4.78 -25.02 -5.66
CA ARG A 486 -5.27 -26.05 -6.60
C ARG A 486 -4.08 -26.51 -7.44
N ASN A 487 -3.21 -25.59 -7.83
CA ASN A 487 -2.00 -25.83 -8.66
C ASN A 487 -0.95 -24.79 -8.31
N PRO A 488 0.31 -24.97 -8.75
CA PRO A 488 1.31 -23.91 -8.61
C PRO A 488 0.94 -22.64 -9.38
N LEU A 489 1.71 -21.59 -9.19
CA LEU A 489 1.59 -20.37 -10.02
C LEU A 489 2.08 -20.75 -11.42
N PRO A 490 1.20 -20.71 -12.45
CA PRO A 490 1.58 -21.05 -13.80
C PRO A 490 2.87 -20.39 -14.33
N ALA A 491 3.15 -19.15 -13.99
CA ALA A 491 4.36 -18.44 -14.49
C ALA A 491 5.63 -19.22 -14.12
N LEU A 492 5.61 -19.99 -13.05
CA LEU A 492 6.81 -20.77 -12.62
C LEU A 492 7.15 -21.89 -13.63
N ALA A 493 6.17 -22.45 -14.31
CA ALA A 493 6.39 -23.39 -15.42
C ALA A 493 7.34 -22.81 -16.48
N TYR A 494 7.46 -21.48 -16.64
CA TYR A 494 8.21 -20.83 -17.75
C TYR A 494 9.53 -20.24 -17.26
N LYS A 495 9.93 -20.51 -16.01
CA LYS A 495 10.98 -19.71 -15.33
C LYS A 495 11.99 -20.60 -14.63
N PRO A 496 12.68 -21.52 -15.34
CA PRO A 496 13.63 -22.44 -14.67
C PRO A 496 14.78 -21.70 -13.98
N GLN A 497 15.28 -20.60 -14.58
CA GLN A 497 16.35 -19.76 -13.97
C GLN A 497 15.86 -19.19 -12.62
N SER A 498 14.58 -18.81 -12.54
CA SER A 498 13.94 -18.24 -11.32
C SER A 498 13.77 -19.36 -10.29
N ILE A 499 13.29 -20.54 -10.72
CA ILE A 499 13.20 -21.73 -9.83
C ILE A 499 14.56 -21.92 -9.12
N ALA A 500 15.66 -21.79 -9.88
CA ALA A 500 17.04 -22.05 -9.41
C ALA A 500 17.43 -21.00 -8.37
N GLU A 501 17.16 -19.73 -8.68
CA GLU A 501 17.40 -18.57 -7.76
C GLU A 501 16.74 -18.89 -6.41
N ALA A 502 15.47 -19.29 -6.43
CA ALA A 502 14.70 -19.64 -5.21
C ALA A 502 15.44 -20.74 -4.44
N GLU A 503 16.05 -21.71 -5.12
CA GLU A 503 16.77 -22.83 -4.44
C GLU A 503 17.89 -22.26 -3.60
N LEU A 504 18.51 -21.14 -4.02
CA LEU A 504 19.57 -20.49 -3.19
C LEU A 504 18.91 -19.84 -1.96
N LEU A 505 17.70 -19.25 -2.08
CA LEU A 505 17.04 -18.60 -0.90
C LEU A 505 16.64 -19.67 0.13
N PHE A 506 16.24 -20.87 -0.35
CA PHE A 506 15.83 -21.98 0.53
C PHE A 506 17.08 -22.46 1.27
N ALA A 507 18.21 -22.43 0.56
CA ALA A 507 19.54 -22.79 1.09
C ALA A 507 19.94 -21.78 2.15
N ASP A 508 19.68 -20.49 1.89
CA ASP A 508 20.08 -19.35 2.77
C ASP A 508 19.32 -19.48 4.11
N VAL A 509 18.05 -19.89 4.07
CA VAL A 509 17.21 -20.11 5.28
C VAL A 509 17.77 -21.31 6.05
N LYS A 510 18.23 -22.35 5.35
CA LYS A 510 18.83 -23.56 5.99
C LYS A 510 20.12 -23.12 6.70
N ARG A 511 20.98 -22.41 5.99
CA ARG A 511 22.33 -22.01 6.47
C ARG A 511 22.11 -21.19 7.75
N LYS A 512 21.19 -20.21 7.70
CA LYS A 512 20.94 -19.24 8.79
C LYS A 512 20.42 -19.99 10.03
N GLY A 513 19.40 -20.82 9.83
CA GLY A 513 18.84 -21.65 10.91
C GLY A 513 19.89 -22.53 11.54
N ASP A 514 20.68 -23.22 10.72
CA ASP A 514 21.76 -24.11 11.22
C ASP A 514 22.74 -23.24 12.01
N THR A 515 23.42 -22.31 11.34
CA THR A 515 24.43 -21.41 11.95
C THR A 515 23.88 -20.86 13.28
N LEU A 516 22.65 -20.32 13.29
CA LEU A 516 22.12 -19.59 14.47
C LEU A 516 21.63 -20.57 15.56
N VAL A 517 21.09 -21.73 15.21
CA VAL A 517 20.66 -22.76 16.21
C VAL A 517 21.90 -23.24 16.97
N GLU A 518 23.09 -23.16 16.37
CA GLU A 518 24.38 -23.44 17.06
C GLU A 518 24.75 -22.23 17.95
N SER A 519 24.99 -21.04 17.38
CA SER A 519 25.71 -19.90 18.02
C SER A 519 24.85 -19.15 19.06
N LEU A 520 23.51 -19.20 18.99
CA LEU A 520 22.61 -18.39 19.85
C LEU A 520 22.52 -18.95 21.26
N PRO A 521 22.30 -18.09 22.29
CA PRO A 521 21.98 -18.52 23.64
C PRO A 521 20.53 -19.01 23.70
N SER A 522 20.18 -19.83 24.71
CA SER A 522 18.78 -20.27 24.91
C SER A 522 17.98 -19.03 25.32
N THR A 523 16.67 -19.06 25.10
CA THR A 523 15.75 -17.97 25.47
C THR A 523 15.95 -17.74 26.97
N TYR A 524 15.93 -18.82 27.75
CA TYR A 524 16.14 -18.79 29.23
C TYR A 524 17.37 -17.94 29.53
N ASP A 525 18.48 -18.22 28.84
CA ASP A 525 19.80 -17.62 29.17
C ASP A 525 19.73 -16.10 28.94
N LEU A 526 19.12 -15.64 27.84
CA LEU A 526 18.98 -14.19 27.56
C LEU A 526 18.11 -13.49 28.62
N LEU A 527 16.98 -14.10 28.99
CA LEU A 527 16.09 -13.57 30.04
C LEU A 527 16.87 -13.43 31.35
N ARG A 528 17.61 -14.48 31.73
CA ARG A 528 18.40 -14.51 32.98
C ARG A 528 19.44 -13.39 32.96
N GLN A 529 20.01 -13.05 31.81
CA GLN A 529 20.92 -11.88 31.68
C GLN A 529 20.12 -10.59 31.86
N LEU A 530 18.99 -10.47 31.16
CA LEU A 530 18.14 -9.25 31.10
C LEU A 530 17.62 -8.87 32.50
N HIS A 531 16.99 -9.80 33.22
CA HIS A 531 16.31 -9.56 34.52
C HIS A 531 17.28 -9.63 35.72
N GLY A 532 18.50 -10.15 35.58
CA GLY A 532 19.56 -10.05 36.61
C GLY A 532 20.53 -8.93 36.27
N ASP B 5 3.13 -31.44 -20.31
CA ASP B 5 3.44 -30.06 -20.82
C ASP B 5 2.14 -29.40 -21.28
N ASN B 6 1.48 -28.65 -20.38
CA ASN B 6 0.19 -27.96 -20.63
C ASN B 6 0.42 -26.46 -20.87
N ARG B 7 1.69 -26.04 -20.96
CA ARG B 7 2.11 -24.64 -21.10
C ARG B 7 1.86 -24.11 -22.50
N ILE B 8 1.76 -22.78 -22.59
CA ILE B 8 1.83 -21.96 -23.83
C ILE B 8 3.17 -22.29 -24.48
N LYS B 9 3.13 -22.55 -25.79
CA LYS B 9 4.35 -22.88 -26.56
C LYS B 9 4.74 -21.66 -27.37
N THR B 10 3.75 -20.97 -27.91
CA THR B 10 3.97 -19.84 -28.86
C THR B 10 3.06 -18.68 -28.46
N VAL B 11 3.61 -17.46 -28.51
CA VAL B 11 2.87 -16.19 -28.27
C VAL B 11 2.98 -15.38 -29.56
N VAL B 12 1.84 -14.93 -30.07
CA VAL B 12 1.79 -14.00 -31.24
C VAL B 12 1.33 -12.63 -30.74
N ILE B 13 2.06 -11.59 -31.13
CA ILE B 13 1.81 -10.17 -30.77
C ILE B 13 1.43 -9.46 -32.07
N LEU B 14 0.18 -9.05 -32.19
CA LEU B 14 -0.28 -8.23 -33.33
C LEU B 14 0.12 -6.77 -33.09
N GLY B 15 0.95 -6.21 -33.94
CA GLY B 15 1.28 -4.79 -33.94
C GLY B 15 2.64 -4.56 -33.37
N GLY B 16 3.45 -3.74 -34.04
CA GLY B 16 4.86 -3.53 -33.68
C GLY B 16 5.11 -2.06 -33.49
N GLY B 17 4.22 -1.40 -32.71
CA GLY B 17 4.45 -0.06 -32.14
C GLY B 17 5.34 -0.13 -30.93
N THR B 18 5.23 0.86 -30.04
CA THR B 18 5.93 0.86 -28.73
C THR B 18 5.36 -0.28 -27.88
N ALA B 19 4.05 -0.51 -27.93
CA ALA B 19 3.36 -1.58 -27.15
C ALA B 19 3.94 -2.95 -27.53
N GLY B 20 3.84 -3.33 -28.82
CA GLY B 20 4.29 -4.62 -29.37
C GLY B 20 5.74 -4.93 -28.99
N TRP B 21 6.66 -4.01 -29.27
CA TRP B 21 8.10 -4.23 -29.06
C TRP B 21 8.46 -4.19 -27.57
N MET B 22 7.75 -3.41 -26.74
CA MET B 22 7.96 -3.50 -25.27
C MET B 22 7.50 -4.89 -24.82
N THR B 23 6.35 -5.35 -25.35
CA THR B 23 5.75 -6.65 -24.98
C THR B 23 6.73 -7.76 -25.39
N ALA B 24 7.17 -7.77 -26.65
CA ALA B 24 8.09 -8.78 -27.19
C ALA B 24 9.33 -8.87 -26.31
N ALA B 25 9.96 -7.74 -26.00
CA ALA B 25 11.21 -7.66 -25.22
C ALA B 25 11.01 -8.17 -23.78
N TYR B 26 9.99 -7.66 -23.08
CA TYR B 26 9.73 -7.99 -21.65
C TYR B 26 9.49 -9.51 -21.57
N LEU B 27 8.56 -10.03 -22.39
CA LEU B 27 8.18 -11.47 -22.39
C LEU B 27 9.39 -12.34 -22.76
N GLY B 28 10.21 -11.89 -23.70
CA GLY B 28 11.46 -12.59 -24.07
C GLY B 28 12.26 -12.97 -22.84
N LYS B 29 12.44 -11.99 -21.96
CA LYS B 29 13.25 -12.08 -20.72
C LYS B 29 12.44 -12.81 -19.66
N ALA B 30 11.14 -12.53 -19.55
CA ALA B 30 10.26 -13.07 -18.48
C ALA B 30 10.11 -14.58 -18.66
N LEU B 31 9.93 -15.04 -19.89
CA LEU B 31 9.55 -16.43 -20.23
C LEU B 31 10.80 -17.26 -20.53
N GLN B 32 11.99 -16.66 -20.41
CA GLN B 32 13.28 -17.39 -20.29
C GLN B 32 13.43 -18.39 -21.46
N ASN B 33 13.05 -17.98 -22.67
CA ASN B 33 13.26 -18.77 -23.92
C ASN B 33 12.57 -20.14 -23.84
N THR B 34 11.51 -20.31 -23.04
CA THR B 34 10.67 -21.54 -22.97
C THR B 34 9.47 -21.44 -23.93
N VAL B 35 9.33 -20.30 -24.58
CA VAL B 35 8.11 -19.91 -25.34
C VAL B 35 8.62 -19.15 -26.56
N LYS B 36 8.09 -19.50 -27.72
CA LYS B 36 8.35 -18.82 -29.01
C LYS B 36 7.53 -17.54 -29.05
N ILE B 37 8.15 -16.43 -29.44
CA ILE B 37 7.44 -15.14 -29.55
C ILE B 37 7.54 -14.64 -31.00
N VAL B 38 6.39 -14.27 -31.56
CA VAL B 38 6.28 -13.67 -32.92
C VAL B 38 5.61 -12.30 -32.79
N VAL B 39 6.21 -11.27 -33.37
CA VAL B 39 5.57 -9.94 -33.64
C VAL B 39 5.16 -9.89 -35.13
N LEU B 40 3.88 -9.64 -35.39
CA LEU B 40 3.30 -9.40 -36.74
C LEU B 40 2.97 -7.90 -36.85
N GLU B 41 3.75 -7.12 -37.62
CA GLU B 41 3.47 -5.69 -37.86
C GLU B 41 3.55 -5.39 -39.35
N ALA B 42 2.55 -4.68 -39.89
CA ALA B 42 2.53 -4.11 -41.26
C ALA B 42 3.38 -2.86 -41.26
N PRO B 43 4.57 -2.82 -41.90
CA PRO B 43 5.42 -1.61 -41.83
C PRO B 43 4.78 -0.38 -42.50
N THR B 44 3.73 -0.59 -43.30
CA THR B 44 2.98 0.47 -44.04
C THR B 44 1.93 1.15 -43.14
N ILE B 45 1.14 0.40 -42.35
CA ILE B 45 0.13 0.94 -41.38
C ILE B 45 0.87 1.60 -40.21
N PRO B 46 1.12 2.93 -40.20
CA PRO B 46 2.01 3.54 -39.22
C PRO B 46 1.52 3.32 -37.78
N ARG B 47 2.45 3.16 -36.84
CA ARG B 47 2.21 3.41 -35.40
C ARG B 47 1.61 4.82 -35.27
N ILE B 48 0.93 5.12 -34.16
CA ILE B 48 0.27 6.44 -33.91
C ILE B 48 1.32 7.57 -33.91
N GLY B 49 2.58 7.22 -33.62
CA GLY B 49 3.77 8.05 -33.92
C GLY B 49 4.04 9.07 -32.84
N VAL B 50 3.08 9.21 -31.90
CA VAL B 50 3.23 9.94 -30.60
C VAL B 50 3.67 8.92 -29.53
N GLY B 51 3.87 9.40 -28.30
CA GLY B 51 4.31 8.58 -27.15
C GLY B 51 5.68 9.05 -26.69
N GLU B 52 5.80 10.29 -26.23
CA GLU B 52 7.10 10.98 -26.17
C GLU B 52 7.55 11.23 -24.73
N ALA B 53 6.63 11.45 -23.78
CA ALA B 53 6.97 11.71 -22.36
C ALA B 53 6.76 10.45 -21.52
N THR B 54 7.48 10.33 -20.41
CA THR B 54 7.35 9.14 -19.50
C THR B 54 7.26 9.54 -18.02
N VAL B 55 7.14 8.56 -17.14
CA VAL B 55 7.17 8.75 -15.67
C VAL B 55 8.40 8.04 -15.11
N PRO B 56 8.86 8.38 -13.89
CA PRO B 56 10.20 8.00 -13.43
C PRO B 56 10.45 6.50 -13.21
N ASN B 57 9.42 5.68 -13.01
CA ASN B 57 9.62 4.24 -12.70
C ASN B 57 10.02 3.46 -13.98
N LEU B 58 9.98 4.06 -15.17
CA LEU B 58 10.28 3.39 -16.48
C LEU B 58 11.61 2.62 -16.41
N GLN B 59 12.65 3.18 -15.83
CA GLN B 59 14.00 2.56 -15.91
C GLN B 59 14.02 1.33 -14.99
N ARG B 60 13.46 1.44 -13.78
CA ARG B 60 13.42 0.33 -12.79
C ARG B 60 12.58 -0.80 -13.36
N ALA B 61 11.35 -0.48 -13.76
CA ALA B 61 10.22 -1.40 -13.97
C ALA B 61 10.22 -2.03 -15.36
N PHE B 62 11.24 -1.69 -16.19
CA PHE B 62 11.34 -2.10 -17.62
C PHE B 62 12.82 -2.29 -18.04
N PHE B 63 13.55 -1.24 -18.34
CA PHE B 63 14.92 -1.36 -18.90
C PHE B 63 15.87 -2.12 -17.94
N ASP B 64 15.68 -2.01 -16.62
CA ASP B 64 16.53 -2.72 -15.62
C ASP B 64 16.18 -4.22 -15.64
N TYR B 65 14.89 -4.56 -15.79
CA TYR B 65 14.41 -5.96 -15.94
C TYR B 65 15.08 -6.59 -17.15
N LEU B 66 15.21 -5.82 -18.23
CA LEU B 66 15.85 -6.23 -19.50
C LEU B 66 17.36 -6.12 -19.41
N GLY B 67 17.89 -5.54 -18.33
CA GLY B 67 19.34 -5.35 -18.13
C GLY B 67 19.93 -4.34 -19.12
N ILE B 68 19.10 -3.48 -19.72
CA ILE B 68 19.59 -2.37 -20.57
C ILE B 68 19.85 -1.17 -19.66
N PRO B 69 21.11 -0.72 -19.46
CA PRO B 69 21.37 0.46 -18.65
C PRO B 69 20.93 1.76 -19.34
N GLU B 70 20.54 2.76 -18.52
CA GLU B 70 19.84 4.02 -18.91
C GLU B 70 20.53 4.71 -20.10
N GLU B 71 21.85 4.88 -20.05
CA GLU B 71 22.62 5.63 -21.08
C GLU B 71 22.48 4.93 -22.44
N GLU B 72 22.41 3.58 -22.44
CA GLU B 72 22.50 2.75 -23.66
C GLU B 72 21.29 3.09 -24.55
N TRP B 73 20.09 3.10 -23.96
CA TRP B 73 18.82 3.27 -24.70
C TRP B 73 18.57 4.76 -25.00
N MET B 74 18.89 5.65 -24.07
CA MET B 74 18.74 7.12 -24.25
C MET B 74 19.53 7.56 -25.48
N ARG B 75 20.78 7.05 -25.62
CA ARG B 75 21.70 7.49 -26.69
C ARG B 75 21.15 7.00 -28.05
N GLU B 76 20.32 5.95 -28.07
CA GLU B 76 19.81 5.32 -29.32
C GLU B 76 18.44 5.88 -29.72
N CYS B 77 17.77 6.69 -28.90
CA CYS B 77 16.40 7.18 -29.24
C CYS B 77 16.23 8.68 -28.97
N ASN B 78 17.34 9.43 -28.87
CA ASN B 78 17.36 10.92 -28.82
C ASN B 78 16.58 11.36 -27.58
N ALA B 79 16.91 10.78 -26.44
CA ALA B 79 16.22 11.03 -25.14
C ALA B 79 16.75 12.30 -24.50
N SER B 80 15.82 13.10 -23.97
CA SER B 80 16.06 14.25 -23.05
C SER B 80 15.50 13.88 -21.66
N TYR B 81 15.81 14.71 -20.65
CA TYR B 81 15.31 14.58 -19.26
C TYR B 81 13.99 15.34 -19.06
N LYS B 82 13.22 14.91 -18.07
CA LYS B 82 11.90 15.47 -17.67
C LYS B 82 11.85 15.47 -16.15
N MET B 83 11.73 16.66 -15.53
CA MET B 83 11.75 16.80 -14.04
C MET B 83 10.35 17.09 -13.53
N ALA B 84 9.40 17.39 -14.43
CA ALA B 84 8.00 17.71 -14.14
C ALA B 84 7.16 17.84 -15.41
N VAL B 85 5.84 17.99 -15.22
CA VAL B 85 4.92 18.60 -16.20
C VAL B 85 4.63 20.04 -15.69
N LYS B 86 4.87 21.06 -16.51
CA LYS B 86 4.72 22.50 -16.19
C LYS B 86 3.43 22.99 -16.86
N PHE B 87 2.48 23.49 -16.07
CA PHE B 87 1.15 23.94 -16.56
C PHE B 87 1.17 25.45 -16.74
N ILE B 88 0.88 25.89 -17.96
CA ILE B 88 0.99 27.30 -18.39
C ILE B 88 -0.38 27.75 -18.88
N ASN B 89 -0.99 28.67 -18.13
CA ASN B 89 -2.18 29.49 -18.49
C ASN B 89 -3.44 28.67 -18.19
N TRP B 90 -3.36 27.74 -17.22
CA TRP B 90 -4.50 26.85 -16.88
C TRP B 90 -5.54 27.58 -16.01
N ARG B 91 -5.19 28.77 -15.51
CA ARG B 91 -6.03 29.51 -14.53
C ARG B 91 -6.59 30.83 -15.13
N THR B 92 -6.01 31.32 -16.23
CA THR B 92 -6.38 32.60 -16.88
C THR B 92 -7.04 32.38 -18.25
N PRO B 93 -7.97 33.27 -18.68
CA PRO B 93 -8.74 33.07 -19.90
C PRO B 93 -8.01 33.57 -21.16
N GLY B 94 -8.45 33.15 -22.36
CA GLY B 94 -7.99 33.64 -23.67
C GLY B 94 -7.17 32.65 -24.51
N GLU B 95 -6.88 33.06 -25.75
CA GLU B 95 -6.16 32.27 -26.78
C GLU B 95 -4.91 31.63 -26.18
N GLY B 96 -4.50 30.50 -26.73
CA GLY B 96 -3.24 29.85 -26.32
C GLY B 96 -2.07 30.79 -26.49
N SER B 97 -1.00 30.63 -25.71
CA SER B 97 0.31 31.31 -25.92
C SER B 97 1.39 30.57 -25.13
N PRO B 98 2.61 30.37 -25.69
CA PRO B 98 3.72 29.78 -24.95
C PRO B 98 4.10 30.61 -23.72
N ASP B 99 3.84 31.92 -23.78
CA ASP B 99 4.20 32.88 -22.70
C ASP B 99 3.10 32.88 -21.65
N PRO B 100 3.46 32.83 -20.35
CA PRO B 100 2.44 32.80 -19.31
C PRO B 100 1.79 34.18 -19.12
N ARG B 101 0.46 34.20 -18.98
CA ARG B 101 -0.35 35.37 -18.58
C ARG B 101 -0.03 35.69 -17.11
N THR B 102 -0.73 36.67 -16.53
CA THR B 102 -0.55 37.16 -15.14
C THR B 102 -1.86 36.93 -14.38
N LEU B 103 -1.79 36.37 -13.18
CA LEU B 103 -2.97 36.07 -12.32
C LEU B 103 -3.48 37.40 -11.76
N ASP B 104 -4.67 37.43 -11.14
CA ASP B 104 -5.15 38.60 -10.36
C ASP B 104 -4.10 39.01 -9.32
N ASP B 105 -3.55 38.03 -8.58
CA ASP B 105 -2.60 38.23 -7.44
C ASP B 105 -1.22 38.68 -7.95
N GLY B 106 -1.02 38.73 -9.27
CA GLY B 106 0.12 39.42 -9.90
C GLY B 106 1.21 38.46 -10.36
N HIS B 107 1.16 37.21 -9.92
CA HIS B 107 2.15 36.14 -10.25
C HIS B 107 1.81 35.58 -11.64
N THR B 108 2.81 35.05 -12.35
CA THR B 108 2.65 34.39 -13.69
C THR B 108 1.85 33.09 -13.51
N ASP B 109 0.96 32.78 -14.45
CA ASP B 109 0.07 31.58 -14.41
C ASP B 109 0.87 30.35 -14.86
N THR B 110 1.77 29.87 -13.98
CA THR B 110 2.54 28.62 -14.17
C THR B 110 2.62 27.88 -12.83
N PHE B 111 2.38 26.56 -12.82
CA PHE B 111 2.73 25.66 -11.69
C PHE B 111 3.35 24.36 -12.20
N HIS B 112 4.29 23.83 -11.44
CA HIS B 112 4.97 22.55 -11.75
C HIS B 112 4.30 21.39 -11.02
N HIS B 113 4.37 20.21 -11.64
CA HIS B 113 4.12 18.88 -11.03
C HIS B 113 5.43 18.14 -11.10
N PRO B 114 6.40 18.36 -10.19
CA PRO B 114 7.65 17.59 -10.18
C PRO B 114 7.50 16.22 -9.52
N PHE B 115 8.60 15.45 -9.46
CA PHE B 115 8.59 14.03 -9.02
C PHE B 115 9.30 13.87 -7.69
N GLY B 116 10.34 14.68 -7.41
CA GLY B 116 11.15 14.58 -6.17
C GLY B 116 10.26 14.48 -4.93
N LEU B 117 10.24 13.35 -4.20
CA LEU B 117 9.23 13.07 -3.13
C LEU B 117 9.51 13.98 -1.92
N LEU B 118 8.45 14.28 -1.17
CA LEU B 118 8.45 15.37 -0.16
C LEU B 118 9.09 14.83 1.10
N PRO B 119 9.93 15.61 1.81
CA PRO B 119 10.37 15.23 3.14
C PRO B 119 9.20 15.31 4.12
N SER B 120 9.37 14.70 5.28
CA SER B 120 8.38 14.68 6.39
C SER B 120 9.00 15.34 7.63
N ALA B 121 8.16 15.79 8.56
CA ALA B 121 8.55 16.05 9.95
C ALA B 121 7.40 15.60 10.86
N ASP B 122 7.71 14.87 11.94
CA ASP B 122 6.71 14.27 12.87
C ASP B 122 5.65 13.56 12.00
N GLN B 123 6.09 12.89 10.94
CA GLN B 123 5.27 11.99 10.07
C GLN B 123 4.33 12.80 9.18
N ILE B 124 4.40 14.14 9.22
CA ILE B 124 3.51 15.02 8.38
C ILE B 124 4.31 15.51 7.20
N PRO B 125 3.86 15.31 5.95
CA PRO B 125 4.62 15.73 4.77
C PRO B 125 4.68 17.27 4.70
N LEU B 126 5.75 17.77 4.09
CA LEU B 126 6.04 19.23 4.00
C LEU B 126 4.86 19.96 3.34
N SER B 127 4.11 19.27 2.47
CA SER B 127 2.88 19.83 1.85
C SER B 127 2.03 20.55 2.93
N HIS B 128 1.86 19.91 4.08
CA HIS B 128 0.84 20.29 5.07
C HIS B 128 1.34 21.50 5.84
N TYR B 129 2.65 21.58 6.07
CA TYR B 129 3.34 22.69 6.75
C TYR B 129 3.27 23.96 5.87
N TRP B 130 3.40 23.80 4.56
CA TRP B 130 3.26 24.91 3.58
C TRP B 130 1.82 25.39 3.59
N ALA B 131 0.87 24.47 3.65
CA ALA B 131 -0.56 24.82 3.53
C ALA B 131 -0.96 25.64 4.77
N ALA B 132 -0.52 25.23 5.96
CA ALA B 132 -0.70 25.93 7.25
C ALA B 132 -0.28 27.38 7.08
N LYS B 133 0.97 27.60 6.70
CA LYS B 133 1.53 28.96 6.52
C LYS B 133 0.70 29.73 5.48
N ARG B 134 0.26 29.11 4.39
CA ARG B 134 -0.35 29.85 3.25
C ARG B 134 -1.78 30.28 3.65
N LEU B 135 -2.48 29.41 4.37
CA LEU B 135 -3.88 29.62 4.80
C LEU B 135 -3.92 30.67 5.92
N GLN B 136 -2.82 30.82 6.65
CA GLN B 136 -2.70 31.74 7.82
C GLN B 136 -1.95 33.01 7.40
N GLY B 137 -1.92 33.33 6.09
CA GLY B 137 -1.18 34.48 5.52
C GLY B 137 0.25 34.65 6.07
N GLU B 138 0.97 33.56 6.38
CA GLU B 138 2.35 33.56 6.92
C GLU B 138 3.39 33.22 5.83
N THR B 139 2.99 32.94 4.59
CA THR B 139 3.93 32.78 3.43
C THR B 139 3.21 33.26 2.18
N ASP B 140 4.00 33.70 1.20
CA ASP B 140 3.49 34.20 -0.11
C ASP B 140 3.97 33.26 -1.21
N GLU B 141 4.87 32.32 -0.86
CA GLU B 141 5.40 31.26 -1.75
C GLU B 141 4.27 30.33 -2.25
N ASN B 142 4.34 29.92 -3.51
CA ASN B 142 3.45 28.85 -4.05
C ASN B 142 3.99 27.50 -3.56
N PHE B 143 3.12 26.49 -3.53
CA PHE B 143 3.47 25.11 -3.11
C PHE B 143 4.76 24.64 -3.82
N ASP B 144 4.79 24.74 -5.15
CA ASP B 144 5.86 24.09 -5.95
C ASP B 144 7.23 24.66 -5.53
N GLU B 145 7.37 25.98 -5.48
CA GLU B 145 8.66 26.65 -5.17
C GLU B 145 9.00 26.50 -3.67
N ALA B 146 8.03 26.33 -2.77
CA ALA B 146 8.31 26.17 -1.32
C ALA B 146 8.92 24.79 -1.04
N CYS B 147 8.39 23.75 -1.71
CA CYS B 147 8.51 22.32 -1.26
C CYS B 147 9.42 21.46 -2.14
N PHE B 148 9.79 21.91 -3.33
CA PHE B 148 10.66 21.15 -4.27
C PHE B 148 11.78 22.02 -4.81
N ALA B 149 13.03 21.60 -4.58
CA ALA B 149 14.22 22.25 -5.17
C ALA B 149 14.18 22.11 -6.70
N ASP B 150 13.53 21.07 -7.21
CA ASP B 150 13.29 20.83 -8.65
C ASP B 150 12.75 22.11 -9.33
N THR B 151 11.90 22.87 -8.63
CA THR B 151 11.24 24.08 -9.19
C THR B 151 12.30 25.11 -9.59
N ALA B 152 13.27 25.35 -8.70
CA ALA B 152 14.41 26.28 -8.91
C ALA B 152 15.20 25.83 -10.12
N ILE B 153 15.46 24.52 -10.18
CA ILE B 153 16.31 23.86 -11.21
C ILE B 153 15.63 23.96 -12.58
N MET B 154 14.33 23.68 -12.67
CA MET B 154 13.61 23.79 -13.97
C MET B 154 13.56 25.24 -14.45
N ASN B 155 13.39 26.22 -13.55
CA ASN B 155 13.41 27.68 -13.87
C ASN B 155 14.76 28.06 -14.47
N ALA B 156 15.86 27.58 -13.91
CA ALA B 156 17.24 27.77 -14.42
C ALA B 156 17.58 26.79 -15.56
N LYS B 157 16.64 25.94 -16.00
CA LYS B 157 16.81 24.96 -17.13
C LYS B 157 18.06 24.07 -16.91
N LYS B 158 18.45 23.78 -15.66
CA LYS B 158 19.63 22.96 -15.35
C LYS B 158 19.23 21.48 -15.47
N ALA B 159 20.21 20.58 -15.56
CA ALA B 159 20.03 19.11 -15.73
C ALA B 159 19.83 18.47 -14.36
N PRO B 160 19.12 17.31 -14.28
CA PRO B 160 18.96 16.60 -13.02
C PRO B 160 20.13 15.66 -12.64
N ARG B 161 21.14 15.55 -13.52
CA ARG B 161 22.46 14.96 -13.16
C ARG B 161 23.57 15.99 -13.37
N PHE B 162 24.62 15.91 -12.54
CA PHE B 162 25.93 16.56 -12.76
C PHE B 162 26.64 15.87 -13.94
N LEU B 163 27.70 16.46 -14.49
CA LEU B 163 28.41 15.95 -15.69
C LEU B 163 29.12 14.62 -15.39
N ASP B 164 29.58 14.42 -14.15
CA ASP B 164 30.21 13.13 -13.73
C ASP B 164 29.09 12.10 -13.47
N MET B 165 27.82 12.49 -13.67
CA MET B 165 26.62 11.62 -13.78
C MET B 165 26.04 11.24 -12.41
N ARG B 166 26.62 11.72 -11.29
CA ARG B 166 25.96 11.69 -9.96
C ARG B 166 24.54 12.27 -10.10
N ARG B 167 23.58 11.71 -9.38
CA ARG B 167 22.16 12.15 -9.46
C ARG B 167 22.03 13.43 -8.65
N ALA B 168 21.21 14.39 -9.09
CA ALA B 168 20.82 15.62 -8.33
C ALA B 168 19.39 15.50 -7.77
N THR B 169 18.42 15.17 -8.62
CA THR B 169 17.01 14.86 -8.23
C THR B 169 16.46 13.67 -9.01
N ASN B 170 15.23 13.30 -8.68
CA ASN B 170 14.42 12.31 -9.43
C ASN B 170 13.99 12.92 -10.77
N TYR B 171 13.66 12.09 -11.77
CA TYR B 171 13.32 12.53 -13.16
C TYR B 171 12.81 11.34 -13.99
N ALA B 172 12.08 11.63 -15.07
CA ALA B 172 11.63 10.70 -16.11
C ALA B 172 12.24 11.13 -17.44
N TRP B 173 11.67 10.71 -18.59
CA TRP B 173 12.34 10.79 -19.91
C TRP B 173 11.38 11.32 -20.96
N HIS B 174 11.91 12.11 -21.90
CA HIS B 174 11.29 12.45 -23.21
C HIS B 174 12.01 11.65 -24.31
N PHE B 175 11.35 11.32 -25.42
CA PHE B 175 12.04 10.67 -26.58
C PHE B 175 11.12 10.57 -27.80
N ASP B 176 11.75 10.23 -28.92
CA ASP B 176 11.14 9.88 -30.23
C ASP B 176 10.61 8.45 -30.09
N ALA B 177 9.31 8.25 -30.32
CA ALA B 177 8.60 6.96 -30.15
C ALA B 177 9.19 5.92 -31.12
N SER B 178 9.30 6.27 -32.40
CA SER B 178 9.73 5.36 -33.49
C SER B 178 11.18 4.87 -33.26
N LYS B 179 12.08 5.74 -32.77
CA LYS B 179 13.46 5.35 -32.41
C LYS B 179 13.46 4.33 -31.25
N VAL B 180 12.58 4.49 -30.25
CA VAL B 180 12.45 3.54 -29.09
C VAL B 180 11.92 2.20 -29.63
N ALA B 181 10.84 2.23 -30.42
CA ALA B 181 10.26 1.00 -30.98
C ALA B 181 11.34 0.29 -31.80
N ALA B 182 12.19 1.03 -32.53
CA ALA B 182 13.31 0.48 -33.34
C ALA B 182 14.38 -0.12 -32.42
N PHE B 183 14.83 0.61 -31.42
CA PHE B 183 15.86 0.08 -30.49
C PHE B 183 15.31 -1.19 -29.83
N LEU B 184 14.00 -1.22 -29.53
CA LEU B 184 13.37 -2.39 -28.88
C LEU B 184 13.22 -3.54 -29.87
N ARG B 185 12.72 -3.30 -31.09
CA ARG B 185 12.63 -4.36 -32.15
C ARG B 185 13.99 -5.07 -32.22
N ASN B 186 15.04 -4.28 -32.35
CA ASN B 186 16.40 -4.75 -32.67
C ASN B 186 16.92 -5.53 -31.45
N PHE B 187 16.70 -5.03 -30.24
CA PHE B 187 17.04 -5.78 -28.99
C PHE B 187 16.34 -7.14 -29.05
N ALA B 188 15.03 -7.15 -29.27
CA ALA B 188 14.17 -8.35 -29.18
C ALA B 188 14.59 -9.40 -30.21
N VAL B 189 14.92 -8.98 -31.42
CA VAL B 189 15.27 -9.89 -32.57
C VAL B 189 16.67 -10.47 -32.36
N THR B 190 17.69 -9.64 -32.13
CA THR B 190 19.11 -10.05 -31.99
C THR B 190 19.37 -10.79 -30.66
N LYS B 191 18.90 -10.26 -29.52
CA LYS B 191 19.29 -10.78 -28.18
C LYS B 191 18.21 -11.68 -27.57
N GLN B 192 16.97 -11.69 -28.08
CA GLN B 192 15.84 -12.45 -27.43
C GLN B 192 15.14 -13.44 -28.39
N ALA B 193 15.65 -13.67 -29.61
CA ALA B 193 15.14 -14.70 -30.55
C ALA B 193 13.65 -14.51 -30.83
N VAL B 194 13.17 -13.28 -30.84
CA VAL B 194 11.80 -12.93 -31.31
C VAL B 194 11.80 -12.96 -32.85
N GLU B 195 10.72 -13.47 -33.48
CA GLU B 195 10.56 -13.45 -34.95
C GLU B 195 9.73 -12.24 -35.37
N HIS B 196 10.36 -11.32 -36.09
CA HIS B 196 9.74 -10.12 -36.72
C HIS B 196 9.18 -10.55 -38.09
N VAL B 197 7.86 -10.49 -38.26
CA VAL B 197 7.16 -10.72 -39.57
C VAL B 197 6.62 -9.38 -40.07
N GLU B 198 7.21 -8.83 -41.13
CA GLU B 198 6.72 -7.60 -41.82
C GLU B 198 5.63 -7.96 -42.84
N ASP B 199 4.36 -7.89 -42.46
CA ASP B 199 3.22 -8.25 -43.35
C ASP B 199 1.93 -7.80 -42.67
N GLU B 200 0.83 -7.74 -43.43
CA GLU B 200 -0.49 -7.30 -42.94
C GLU B 200 -1.28 -8.54 -42.49
N MET B 201 -2.08 -8.39 -41.45
CA MET B 201 -3.07 -9.39 -40.94
C MET B 201 -4.38 -9.19 -41.72
N THR B 202 -5.06 -10.27 -42.12
CA THR B 202 -6.27 -10.23 -42.98
C THR B 202 -7.43 -11.01 -42.37
N GLU B 203 -7.16 -12.06 -41.58
CA GLU B 203 -8.20 -12.89 -40.93
C GLU B 203 -7.68 -13.46 -39.60
N VAL B 204 -8.58 -13.56 -38.62
CA VAL B 204 -8.26 -14.09 -37.27
C VAL B 204 -8.98 -15.43 -37.18
N LEU B 205 -8.22 -16.50 -37.06
CA LEU B 205 -8.78 -17.87 -37.03
C LEU B 205 -9.04 -18.23 -35.58
N THR B 206 -10.21 -18.83 -35.34
CA THR B 206 -10.84 -19.08 -34.02
C THR B 206 -11.42 -20.50 -33.98
N ASP B 207 -11.42 -21.13 -32.81
CA ASP B 207 -12.03 -22.48 -32.64
C ASP B 207 -13.50 -22.30 -32.23
N GLU B 208 -14.18 -23.42 -31.98
CA GLU B 208 -15.62 -23.49 -31.59
C GLU B 208 -15.84 -22.73 -30.26
N ARG B 209 -14.84 -22.72 -29.36
CA ARG B 209 -14.86 -22.06 -28.03
C ARG B 209 -14.55 -20.54 -28.15
N GLY B 210 -14.19 -20.06 -29.35
CA GLY B 210 -13.96 -18.62 -29.58
C GLY B 210 -12.54 -18.16 -29.23
N PHE B 211 -11.65 -19.10 -28.90
CA PHE B 211 -10.18 -18.85 -28.70
C PHE B 211 -9.55 -18.66 -30.08
N ILE B 212 -8.57 -17.77 -30.19
CA ILE B 212 -7.78 -17.56 -31.43
C ILE B 212 -6.80 -18.73 -31.59
N THR B 213 -6.58 -19.20 -32.82
CA THR B 213 -5.68 -20.36 -33.10
C THR B 213 -4.52 -19.91 -33.98
N ALA B 214 -4.78 -18.95 -34.86
CA ALA B 214 -3.73 -18.31 -35.69
C ALA B 214 -4.25 -17.01 -36.31
N LEU B 215 -3.32 -16.23 -36.86
CA LEU B 215 -3.60 -14.99 -37.62
C LEU B 215 -3.14 -15.25 -39.04
N ARG B 216 -3.98 -14.91 -40.03
CA ARG B 216 -3.63 -15.04 -41.48
C ARG B 216 -3.12 -13.70 -41.99
N THR B 217 -2.00 -13.72 -42.68
CA THR B 217 -1.32 -12.52 -43.28
C THR B 217 -1.74 -12.40 -44.74
N LYS B 218 -1.41 -11.28 -45.39
CA LYS B 218 -1.83 -11.04 -46.79
C LYS B 218 -1.01 -11.94 -47.72
N SER B 219 0.27 -12.18 -47.39
CA SER B 219 1.19 -13.04 -48.19
C SER B 219 0.85 -14.52 -48.01
N GLY B 220 -0.26 -14.85 -47.34
CA GLY B 220 -0.82 -16.22 -47.25
C GLY B 220 -0.29 -17.00 -46.06
N ARG B 221 0.77 -16.49 -45.44
CA ARG B 221 1.41 -17.04 -44.21
C ARG B 221 0.39 -17.14 -43.07
N ILE B 222 0.44 -18.21 -42.27
CA ILE B 222 -0.46 -18.46 -41.09
C ILE B 222 0.41 -18.59 -39.84
N LEU B 223 0.26 -17.68 -38.87
CA LEU B 223 1.02 -17.63 -37.59
C LEU B 223 0.21 -18.28 -36.47
N GLN B 224 0.47 -19.55 -36.17
CA GLN B 224 -0.23 -20.29 -35.10
C GLN B 224 0.35 -19.84 -33.76
N GLY B 225 -0.49 -19.90 -32.72
CA GLY B 225 -0.04 -19.62 -31.36
C GLY B 225 -1.13 -20.00 -30.38
N ASP B 226 -0.82 -19.97 -29.08
CA ASP B 226 -1.74 -20.37 -27.98
C ASP B 226 -2.22 -19.15 -27.19
N LEU B 227 -1.49 -18.02 -27.28
CA LEU B 227 -1.83 -16.74 -26.60
C LEU B 227 -1.55 -15.61 -27.59
N PHE B 228 -2.45 -14.63 -27.66
CA PHE B 228 -2.33 -13.50 -28.60
C PHE B 228 -2.33 -12.20 -27.80
N VAL B 229 -1.43 -11.30 -28.15
CA VAL B 229 -1.35 -9.94 -27.56
C VAL B 229 -1.78 -8.93 -28.63
N ASP B 230 -2.96 -8.35 -28.45
CA ASP B 230 -3.46 -7.25 -29.30
C ASP B 230 -2.75 -5.95 -28.94
N CYS B 231 -1.74 -5.56 -29.72
CA CYS B 231 -1.03 -4.26 -29.70
C CYS B 231 -1.37 -3.52 -31.01
N SER B 232 -2.61 -3.63 -31.49
CA SER B 232 -3.03 -3.17 -32.84
C SER B 232 -3.39 -1.67 -32.86
N GLY B 233 -3.27 -0.98 -31.72
CA GLY B 233 -3.74 0.41 -31.53
C GLY B 233 -5.24 0.46 -31.27
N PHE B 234 -5.87 1.60 -31.54
CA PHE B 234 -7.28 1.87 -31.19
C PHE B 234 -8.21 0.91 -31.93
N ARG B 235 -7.80 0.46 -33.13
CA ARG B 235 -8.52 -0.49 -34.03
C ARG B 235 -8.95 -1.73 -33.23
N GLY B 236 -8.12 -2.19 -32.29
CA GLY B 236 -8.40 -3.34 -31.43
C GLY B 236 -8.83 -4.54 -32.25
N LEU B 237 -8.02 -4.89 -33.25
CA LEU B 237 -8.33 -5.90 -34.30
C LEU B 237 -8.64 -7.26 -33.66
N LEU B 238 -8.03 -7.58 -32.51
CA LEU B 238 -8.28 -8.85 -31.79
C LEU B 238 -9.30 -8.60 -30.68
N ILE B 239 -9.03 -7.63 -29.79
CA ILE B 239 -9.82 -7.55 -28.51
C ILE B 239 -11.25 -7.06 -28.83
N ASN B 240 -11.40 -6.05 -29.70
CA ASN B 240 -12.71 -5.43 -30.00
C ASN B 240 -13.38 -6.14 -31.17
N LYS B 241 -12.73 -6.15 -32.35
CA LYS B 241 -13.25 -6.78 -33.60
C LYS B 241 -13.47 -8.28 -33.36
N ALA B 242 -12.41 -9.07 -33.27
CA ALA B 242 -12.48 -10.55 -33.36
C ALA B 242 -13.15 -11.11 -32.11
N MET B 243 -12.70 -10.69 -30.91
CA MET B 243 -13.21 -11.20 -29.61
C MET B 243 -14.55 -10.55 -29.25
N GLU B 244 -14.91 -9.40 -29.86
CA GLU B 244 -16.26 -8.78 -29.73
C GLU B 244 -16.43 -8.22 -28.31
N GLU B 245 -15.32 -7.82 -27.67
CA GLU B 245 -15.32 -7.20 -26.33
C GLU B 245 -15.59 -5.70 -26.49
N PRO B 246 -16.63 -5.20 -25.78
CA PRO B 246 -17.00 -3.79 -25.85
C PRO B 246 -15.97 -2.87 -25.17
N PHE B 247 -15.68 -1.75 -25.82
CA PHE B 247 -14.96 -0.60 -25.22
C PHE B 247 -15.95 0.19 -24.36
N ILE B 248 -15.52 0.68 -23.19
CA ILE B 248 -16.39 1.48 -22.29
C ILE B 248 -15.95 2.92 -22.46
N ASP B 249 -16.70 3.68 -23.28
CA ASP B 249 -16.45 5.11 -23.58
C ASP B 249 -16.59 5.92 -22.28
N MET B 250 -15.60 6.75 -21.97
CA MET B 250 -15.57 7.51 -20.69
C MET B 250 -15.36 9.00 -20.97
N SER B 251 -16.03 9.51 -22.01
CA SER B 251 -16.07 10.95 -22.34
C SER B 251 -17.09 11.64 -21.40
N ASP B 252 -17.80 10.89 -20.56
CA ASP B 252 -18.58 11.43 -19.40
C ASP B 252 -17.61 11.92 -18.30
N HIS B 253 -16.31 11.60 -18.39
CA HIS B 253 -15.28 11.90 -17.37
C HIS B 253 -14.24 12.88 -17.93
N LEU B 254 -13.82 12.74 -19.18
CA LEU B 254 -12.91 13.70 -19.85
C LEU B 254 -13.46 13.99 -21.26
N LEU B 255 -13.26 15.21 -21.74
CA LEU B 255 -14.02 15.74 -22.89
C LEU B 255 -13.12 15.70 -24.13
N CYS B 256 -11.81 15.79 -23.93
CA CYS B 256 -10.84 15.72 -25.06
C CYS B 256 -10.94 14.32 -25.69
N ASN B 257 -10.86 14.28 -27.02
CA ASN B 257 -11.01 13.02 -27.81
C ASN B 257 -10.30 13.14 -29.15
N SER B 258 -9.45 14.16 -29.35
CA SER B 258 -8.71 14.39 -30.61
C SER B 258 -7.41 15.09 -30.29
N ALA B 259 -6.46 15.03 -31.22
CA ALA B 259 -5.22 15.84 -31.21
C ALA B 259 -4.80 16.18 -32.64
N VAL B 260 -3.91 17.16 -32.74
CA VAL B 260 -3.19 17.54 -33.98
C VAL B 260 -1.77 17.88 -33.51
N ALA B 261 -0.76 17.19 -34.03
CA ALA B 261 0.61 17.21 -33.48
C ALA B 261 1.64 17.46 -34.58
N THR B 262 2.91 17.63 -34.19
CA THR B 262 4.06 17.75 -35.11
C THR B 262 5.33 17.99 -34.29
N ALA B 263 6.49 17.91 -34.96
CA ALA B 263 7.81 18.31 -34.45
C ALA B 263 8.08 19.74 -34.92
N VAL B 264 8.78 20.52 -34.10
CA VAL B 264 9.24 21.91 -34.39
C VAL B 264 10.74 21.92 -34.16
N PRO B 265 11.58 22.18 -35.18
CA PRO B 265 13.02 22.28 -34.95
C PRO B 265 13.25 23.47 -34.00
N HIS B 266 14.37 23.48 -33.26
CA HIS B 266 14.52 24.33 -32.06
C HIS B 266 15.97 24.75 -31.88
N ASP B 267 16.21 26.05 -31.69
CA ASP B 267 17.54 26.65 -31.46
C ASP B 267 18.02 26.29 -30.04
N ASP B 268 18.58 25.09 -29.87
CA ASP B 268 19.02 24.57 -28.55
C ASP B 268 20.23 25.38 -28.02
N GLU B 269 20.96 26.09 -28.88
CA GLU B 269 22.11 26.91 -28.41
C GLU B 269 21.58 28.26 -27.89
N LYS B 270 20.54 28.80 -28.55
CA LYS B 270 19.93 30.12 -28.24
C LYS B 270 19.09 29.99 -26.94
N ASN B 271 18.03 29.16 -26.96
CA ASN B 271 17.00 29.03 -25.90
C ASN B 271 17.45 28.16 -24.69
N GLY B 272 18.42 27.26 -24.85
CA GLY B 272 18.64 26.13 -23.92
C GLY B 272 17.58 25.05 -24.08
N VAL B 273 17.69 23.93 -23.34
CA VAL B 273 16.64 22.85 -23.36
C VAL B 273 15.93 22.85 -22.00
N GLU B 274 14.60 22.88 -22.03
CA GLU B 274 13.76 22.74 -20.82
C GLU B 274 13.73 21.28 -20.36
N PRO B 275 14.22 20.97 -19.14
CA PRO B 275 14.13 19.62 -18.60
C PRO B 275 12.73 19.36 -18.02
N TYR B 276 11.69 19.41 -18.86
CA TYR B 276 10.28 19.21 -18.44
C TYR B 276 9.33 19.30 -19.63
N THR B 277 8.14 18.72 -19.45
CA THR B 277 7.03 18.74 -20.43
C THR B 277 6.18 19.95 -20.05
N SER B 278 5.71 20.72 -21.04
CA SER B 278 4.84 21.90 -20.85
C SER B 278 3.43 21.51 -21.29
N SER B 279 2.42 21.77 -20.44
CA SER B 279 0.98 21.66 -20.78
C SER B 279 0.40 23.08 -20.95
N ILE B 280 0.45 23.61 -22.18
CA ILE B 280 0.02 24.99 -22.53
C ILE B 280 -1.48 24.99 -22.82
N ALA B 281 -2.26 25.68 -21.99
CA ALA B 281 -3.74 25.67 -22.07
C ALA B 281 -4.19 26.49 -23.30
N MET B 282 -5.19 25.95 -24.00
CA MET B 282 -5.83 26.56 -25.20
C MET B 282 -7.31 26.78 -24.90
N GLU B 283 -8.07 27.24 -25.89
CA GLU B 283 -9.49 27.61 -25.68
C GLU B 283 -10.36 26.35 -25.63
N ALA B 284 -10.04 25.33 -26.45
CA ALA B 284 -10.88 24.12 -26.61
C ALA B 284 -10.11 22.88 -26.10
N GLY B 285 -8.89 23.09 -25.60
CA GLY B 285 -8.17 22.08 -24.81
C GLY B 285 -6.83 22.61 -24.33
N TRP B 286 -5.76 21.86 -24.63
CA TRP B 286 -4.38 22.15 -24.19
C TRP B 286 -3.40 21.59 -25.21
N THR B 287 -2.12 21.95 -25.07
CA THR B 287 -1.05 21.63 -26.04
C THR B 287 0.21 21.22 -25.28
N TRP B 288 0.76 20.03 -25.58
CA TRP B 288 2.01 19.51 -24.97
C TRP B 288 3.19 20.13 -25.71
N LYS B 289 4.29 20.32 -25.00
CA LYS B 289 5.62 20.63 -25.56
C LYS B 289 6.65 19.72 -24.88
N ILE B 290 7.37 18.94 -25.71
CA ILE B 290 8.22 17.81 -25.27
C ILE B 290 9.59 18.02 -25.88
N PRO B 291 10.49 18.71 -25.16
CA PRO B 291 11.84 18.96 -25.66
C PRO B 291 12.64 17.67 -25.80
N MET B 292 13.27 17.49 -26.97
CA MET B 292 14.43 16.58 -27.17
C MET B 292 15.61 17.45 -27.64
N LEU B 293 16.79 16.85 -27.78
CA LEU B 293 17.94 17.51 -28.46
C LEU B 293 17.54 17.78 -29.92
N GLY B 294 17.60 19.05 -30.34
CA GLY B 294 17.40 19.49 -31.73
C GLY B 294 15.99 19.97 -32.00
N ARG B 295 14.98 19.21 -31.56
CA ARG B 295 13.54 19.55 -31.83
C ARG B 295 12.74 19.51 -30.53
N PHE B 296 11.44 19.79 -30.61
CA PHE B 296 10.46 19.54 -29.54
C PHE B 296 9.18 18.98 -30.19
N GLY B 297 8.65 17.91 -29.60
CA GLY B 297 7.32 17.40 -29.97
C GLY B 297 6.25 18.26 -29.37
N SER B 298 5.22 18.62 -30.13
CA SER B 298 4.02 19.34 -29.62
C SER B 298 2.75 18.76 -30.24
N GLY B 299 1.64 18.94 -29.54
CA GLY B 299 0.31 18.59 -30.07
C GLY B 299 -0.80 19.25 -29.25
N HIS B 300 -1.76 19.86 -29.93
CA HIS B 300 -2.99 20.42 -29.33
C HIS B 300 -3.95 19.26 -29.13
N VAL B 301 -4.21 18.90 -27.87
CA VAL B 301 -5.31 17.97 -27.51
C VAL B 301 -6.57 18.81 -27.43
N TYR B 302 -7.67 18.42 -28.06
CA TYR B 302 -8.95 19.17 -28.03
C TYR B 302 -10.13 18.22 -28.01
N SER B 303 -11.31 18.75 -27.68
CA SER B 303 -12.62 18.10 -27.96
C SER B 303 -13.10 18.53 -29.35
N ASP B 304 -13.59 17.59 -30.17
CA ASP B 304 -14.20 17.90 -31.50
C ASP B 304 -15.65 18.37 -31.30
N HIS B 305 -16.22 18.25 -30.09
CA HIS B 305 -17.56 18.77 -29.72
C HIS B 305 -17.48 20.27 -29.38
N PHE B 306 -16.28 20.85 -29.30
CA PHE B 306 -16.05 22.26 -28.88
C PHE B 306 -15.05 22.95 -29.82
N ALA B 307 -14.39 22.20 -30.70
CA ALA B 307 -13.62 22.76 -31.84
C ALA B 307 -13.67 21.80 -33.04
N THR B 308 -13.74 22.34 -34.24
CA THR B 308 -13.53 21.59 -35.51
C THR B 308 -12.01 21.38 -35.66
N GLN B 309 -11.65 20.46 -36.57
CA GLN B 309 -10.24 20.10 -36.82
C GLN B 309 -9.49 21.34 -37.31
N ASP B 310 -10.14 22.19 -38.11
CA ASP B 310 -9.46 23.38 -38.67
C ASP B 310 -9.27 24.39 -37.52
N GLU B 311 -10.33 24.64 -36.74
CA GLU B 311 -10.31 25.54 -35.56
C GLU B 311 -9.06 25.16 -34.73
N ALA B 312 -8.94 23.87 -34.45
CA ALA B 312 -7.84 23.31 -33.62
C ALA B 312 -6.49 23.53 -34.29
N THR B 313 -6.40 23.23 -35.60
CA THR B 313 -5.14 23.29 -36.38
C THR B 313 -4.65 24.74 -36.46
N LEU B 314 -5.57 25.68 -36.69
CA LEU B 314 -5.26 27.13 -36.79
C LEU B 314 -4.68 27.59 -35.44
N ALA B 315 -5.44 27.38 -34.35
CA ALA B 315 -5.08 27.72 -32.94
C ALA B 315 -3.70 27.16 -32.62
N PHE B 316 -3.45 25.90 -33.03
CA PHE B 316 -2.19 25.16 -32.78
C PHE B 316 -1.04 25.79 -33.58
N SER B 317 -1.31 26.17 -34.84
CA SER B 317 -0.34 26.81 -35.77
C SER B 317 -0.01 28.22 -35.25
N LYS B 318 -1.06 28.96 -34.86
CA LYS B 318 -0.96 30.32 -34.25
C LYS B 318 0.06 30.25 -33.10
N LEU B 319 -0.16 29.33 -32.15
CA LEU B 319 0.70 29.11 -30.95
C LEU B 319 2.19 29.27 -31.31
N TRP B 320 2.68 28.53 -32.31
CA TRP B 320 4.14 28.35 -32.55
C TRP B 320 4.65 29.25 -33.69
N GLY B 321 3.76 30.01 -34.35
CA GLY B 321 4.11 30.73 -35.59
C GLY B 321 4.47 29.75 -36.70
N LEU B 322 3.56 28.81 -36.95
CA LEU B 322 3.67 27.84 -38.07
C LEU B 322 2.72 28.28 -39.18
N ASP B 323 3.05 27.93 -40.43
CA ASP B 323 2.21 28.15 -41.64
C ASP B 323 1.28 26.93 -41.80
N PRO B 324 -0.05 27.07 -41.60
CA PRO B 324 -0.98 25.94 -41.71
C PRO B 324 -0.95 25.12 -43.02
N ASP B 325 -0.61 25.74 -44.15
CA ASP B 325 -0.71 25.13 -45.51
C ASP B 325 0.66 24.61 -45.97
N ASN B 326 1.71 24.80 -45.15
CA ASN B 326 3.10 24.36 -45.47
C ASN B 326 3.75 23.78 -44.21
N THR B 327 2.97 23.03 -43.41
CA THR B 327 3.44 22.38 -42.15
C THR B 327 2.85 20.97 -42.05
N GLU B 328 3.69 19.98 -41.74
CA GLU B 328 3.32 18.54 -41.69
C GLU B 328 2.62 18.24 -40.34
N PHE B 329 1.35 17.83 -40.39
CA PHE B 329 0.49 17.58 -39.21
C PHE B 329 0.05 16.11 -39.15
N ASN B 330 0.11 15.52 -37.94
CA ASN B 330 -0.53 14.23 -37.56
C ASN B 330 -1.89 14.56 -36.91
N HIS B 331 -3.00 13.97 -37.38
CA HIS B 331 -4.38 14.17 -36.85
C HIS B 331 -4.92 12.87 -36.27
N VAL B 332 -4.88 12.72 -34.95
CA VAL B 332 -5.39 11.55 -34.20
C VAL B 332 -6.83 11.86 -33.75
N ARG B 333 -7.67 10.84 -33.69
CA ARG B 333 -9.03 10.87 -33.10
C ARG B 333 -9.07 9.70 -32.11
N PHE B 334 -8.47 9.87 -30.93
CA PHE B 334 -8.38 8.78 -29.93
C PHE B 334 -9.72 8.59 -29.21
N ARG B 335 -9.88 7.41 -28.66
CA ARG B 335 -10.99 7.03 -27.77
C ARG B 335 -10.43 7.13 -26.35
N VAL B 336 -11.29 7.55 -25.43
CA VAL B 336 -10.95 7.66 -23.99
C VAL B 336 -11.82 6.66 -23.23
N GLY B 337 -11.16 5.74 -22.51
CA GLY B 337 -11.82 4.70 -21.71
C GLY B 337 -11.01 3.42 -21.76
N ARG B 338 -11.68 2.29 -21.52
CA ARG B 338 -11.02 0.97 -21.42
C ARG B 338 -11.99 -0.14 -21.86
N ASN B 339 -11.46 -1.25 -22.39
CA ASN B 339 -12.24 -2.47 -22.68
C ASN B 339 -12.95 -2.87 -21.38
N ARG B 340 -14.20 -3.31 -21.45
CA ARG B 340 -14.90 -3.88 -20.28
C ARG B 340 -13.92 -4.82 -19.56
N ARG B 341 -13.17 -5.64 -20.31
CA ARG B 341 -12.10 -6.54 -19.83
C ARG B 341 -10.90 -6.48 -20.78
N ALA B 342 -9.68 -6.41 -20.26
CA ALA B 342 -8.44 -6.24 -21.06
C ALA B 342 -8.07 -7.58 -21.71
N TRP B 343 -8.36 -8.66 -21.02
CA TRP B 343 -7.95 -10.04 -21.39
C TRP B 343 -9.23 -10.88 -21.46
N VAL B 344 -9.60 -11.31 -22.67
CA VAL B 344 -10.74 -12.22 -22.96
C VAL B 344 -10.21 -13.52 -23.59
N ARG B 345 -10.60 -14.64 -22.99
CA ARG B 345 -10.20 -16.00 -23.39
C ARG B 345 -8.66 -16.06 -23.47
N ASN B 346 -8.06 -15.87 -24.66
CA ASN B 346 -6.60 -16.01 -24.92
C ASN B 346 -6.11 -14.81 -25.74
N CYS B 347 -6.82 -13.69 -25.63
CA CYS B 347 -6.44 -12.38 -26.23
C CYS B 347 -6.22 -11.35 -25.12
N VAL B 348 -4.99 -10.83 -25.02
CA VAL B 348 -4.55 -9.84 -24.01
C VAL B 348 -4.27 -8.53 -24.75
N SER B 349 -5.13 -7.53 -24.52
CA SER B 349 -4.94 -6.14 -25.00
C SER B 349 -3.87 -5.43 -24.14
N VAL B 350 -2.95 -4.74 -24.82
CA VAL B 350 -1.84 -3.94 -24.27
C VAL B 350 -1.71 -2.68 -25.12
N GLY B 351 -1.47 -1.53 -24.49
CA GLY B 351 -1.40 -0.22 -25.15
C GLY B 351 -2.78 0.26 -25.57
N LEU B 352 -2.82 1.04 -26.65
CA LEU B 352 -4.03 1.77 -27.10
C LEU B 352 -5.22 0.82 -27.34
N ALA B 353 -4.96 -0.45 -27.63
CA ALA B 353 -5.99 -1.50 -27.76
C ALA B 353 -6.67 -1.82 -26.41
N SER B 354 -6.01 -1.56 -25.28
CA SER B 354 -6.47 -1.90 -23.90
C SER B 354 -7.27 -0.75 -23.33
N CYS B 355 -6.67 0.45 -23.31
CA CYS B 355 -7.20 1.64 -22.60
C CYS B 355 -6.35 2.89 -22.87
N PHE B 356 -6.94 4.07 -22.66
CA PHE B 356 -6.28 5.38 -22.91
C PHE B 356 -7.00 6.51 -22.18
N VAL B 357 -6.22 7.53 -21.87
CA VAL B 357 -6.63 8.88 -21.38
C VAL B 357 -5.67 9.85 -22.04
N GLU B 358 -6.12 11.07 -22.28
CA GLU B 358 -5.28 12.13 -22.89
C GLU B 358 -3.91 12.10 -22.22
N PRO B 359 -2.86 12.45 -22.98
CA PRO B 359 -1.49 12.43 -22.47
C PRO B 359 -1.08 13.56 -21.53
N LEU B 360 -2.01 13.97 -20.66
CA LEU B 360 -1.82 15.12 -19.75
C LEU B 360 -0.70 14.83 -18.73
N GLU B 361 -0.61 13.58 -18.27
CA GLU B 361 0.40 13.18 -17.25
C GLU B 361 1.13 11.91 -17.72
N SER B 362 1.34 11.79 -19.04
CA SER B 362 2.33 10.87 -19.66
C SER B 362 2.07 9.44 -19.13
N SER B 363 0.84 8.96 -19.25
CA SER B 363 0.36 7.68 -18.69
C SER B 363 0.40 6.54 -19.74
N GLY B 364 0.62 6.83 -21.01
CA GLY B 364 0.49 5.85 -22.10
C GLY B 364 1.47 4.70 -22.00
N ILE B 365 2.75 5.00 -21.89
CA ILE B 365 3.82 3.97 -21.83
C ILE B 365 3.82 3.28 -20.45
N TYR B 366 3.49 3.99 -19.39
CA TYR B 366 3.35 3.40 -18.03
C TYR B 366 2.27 2.33 -18.11
N PHE B 367 1.18 2.58 -18.80
CA PHE B 367 0.05 1.63 -18.96
C PHE B 367 0.56 0.36 -19.63
N ILE B 368 1.43 0.53 -20.63
CA ILE B 368 2.03 -0.60 -21.39
C ILE B 368 2.90 -1.43 -20.43
N TYR B 369 3.94 -0.88 -19.80
CA TYR B 369 4.82 -1.69 -18.92
C TYR B 369 4.03 -2.18 -17.71
N ALA B 370 3.01 -1.47 -17.23
CA ALA B 370 2.19 -1.97 -16.10
C ALA B 370 1.52 -3.27 -16.53
N ALA B 371 0.85 -3.24 -17.70
CA ALA B 371 0.07 -4.38 -18.25
C ALA B 371 0.99 -5.60 -18.50
N ILE B 372 2.14 -5.39 -19.11
CA ILE B 372 3.09 -6.48 -19.44
C ILE B 372 3.59 -7.10 -18.14
N HIS B 373 3.92 -6.26 -17.16
CA HIS B 373 4.37 -6.70 -15.83
C HIS B 373 3.28 -7.60 -15.29
N MET B 374 2.03 -7.16 -15.44
CA MET B 374 0.88 -7.85 -14.84
C MET B 374 0.58 -9.13 -15.65
N LEU B 375 0.84 -9.12 -16.96
CA LEU B 375 0.70 -10.30 -17.83
C LEU B 375 1.71 -11.37 -17.40
N ALA B 376 2.99 -11.01 -17.33
CA ALA B 376 4.04 -11.92 -16.82
C ALA B 376 3.61 -12.51 -15.45
N LYS B 377 3.03 -11.73 -14.55
CA LYS B 377 2.74 -12.22 -13.18
C LYS B 377 1.54 -13.15 -13.24
N HIS B 378 0.59 -12.90 -14.14
CA HIS B 378 -0.64 -13.72 -14.25
C HIS B 378 -0.51 -14.66 -15.46
N PHE B 379 0.68 -14.93 -15.97
CA PHE B 379 0.87 -15.68 -17.25
C PHE B 379 0.18 -17.01 -17.13
N PRO B 380 -0.63 -17.39 -18.13
CA PRO B 380 -1.47 -18.58 -18.04
C PRO B 380 -0.78 -19.82 -18.59
N ASP B 381 -1.34 -21.01 -18.32
CA ASP B 381 -1.11 -22.25 -19.10
C ASP B 381 -2.35 -22.41 -19.97
N LYS B 382 -2.48 -23.54 -20.67
CA LYS B 382 -3.48 -23.69 -21.76
C LYS B 382 -4.88 -23.82 -21.12
N THR B 383 -4.98 -24.10 -19.81
CA THR B 383 -6.26 -24.21 -19.08
C THR B 383 -6.90 -22.82 -18.93
N PHE B 384 -6.13 -21.74 -19.11
CA PHE B 384 -6.56 -20.32 -18.91
C PHE B 384 -7.51 -20.20 -17.70
N ASP B 385 -7.00 -20.49 -16.50
CA ASP B 385 -7.72 -20.31 -15.21
C ASP B 385 -8.48 -18.96 -15.26
N LYS B 386 -9.78 -18.98 -14.95
CA LYS B 386 -10.70 -17.79 -14.98
C LYS B 386 -10.28 -16.76 -13.92
N VAL B 387 -9.82 -17.21 -12.74
CA VAL B 387 -9.35 -16.35 -11.63
C VAL B 387 -8.12 -15.54 -12.07
N LEU B 388 -7.12 -16.20 -12.66
CA LEU B 388 -5.90 -15.55 -13.22
C LEU B 388 -6.30 -14.39 -14.12
N VAL B 389 -7.21 -14.64 -15.06
CA VAL B 389 -7.64 -13.64 -16.08
C VAL B 389 -8.38 -12.51 -15.38
N ASP B 390 -9.20 -12.87 -14.41
CA ASP B 390 -10.07 -11.90 -13.66
C ASP B 390 -9.16 -10.91 -12.89
N ARG B 391 -8.16 -11.43 -12.17
CA ARG B 391 -7.23 -10.61 -11.38
C ARG B 391 -6.42 -9.74 -12.34
N PHE B 392 -5.98 -10.27 -13.47
CA PHE B 392 -5.25 -9.42 -14.43
C PHE B 392 -6.16 -8.24 -14.81
N ASN B 393 -7.43 -8.55 -15.05
CA ASN B 393 -8.42 -7.57 -15.54
C ASN B 393 -8.61 -6.47 -14.48
N ARG B 394 -8.76 -6.91 -13.24
CA ARG B 394 -8.91 -6.08 -12.02
C ARG B 394 -7.73 -5.11 -11.91
N GLU B 395 -6.49 -5.57 -12.03
CA GLU B 395 -5.31 -4.69 -11.88
C GLU B 395 -5.33 -3.62 -12.98
N ILE B 396 -5.76 -3.94 -14.19
CA ILE B 396 -5.81 -2.94 -15.31
C ILE B 396 -6.93 -1.93 -15.03
N GLU B 397 -8.07 -2.41 -14.54
CA GLU B 397 -9.29 -1.61 -14.16
C GLU B 397 -8.87 -0.49 -13.19
N GLU B 398 -8.29 -0.86 -12.05
CA GLU B 398 -7.80 0.02 -10.96
C GLU B 398 -6.65 0.92 -11.45
N MET B 399 -5.64 0.39 -12.13
CA MET B 399 -4.52 1.20 -12.67
C MET B 399 -5.10 2.39 -13.44
N PHE B 400 -6.06 2.07 -14.31
CA PHE B 400 -6.67 3.01 -15.27
C PHE B 400 -7.47 4.06 -14.51
N ASP B 401 -8.39 3.59 -13.67
CA ASP B 401 -9.32 4.43 -12.85
C ASP B 401 -8.49 5.41 -12.01
N ASP B 402 -7.48 4.91 -11.27
CA ASP B 402 -6.57 5.72 -10.43
C ASP B 402 -6.05 6.88 -11.28
N THR B 403 -5.72 6.68 -12.56
CA THR B 403 -5.06 7.70 -13.41
C THR B 403 -6.15 8.61 -13.99
N ARG B 404 -7.34 8.07 -14.23
CA ARG B 404 -8.46 8.81 -14.87
C ARG B 404 -8.96 9.88 -13.89
N ASP B 405 -9.30 9.43 -12.70
CA ASP B 405 -9.74 10.27 -11.56
CA ASP B 405 -9.71 10.24 -11.52
C ASP B 405 -8.68 11.37 -11.31
N PHE B 406 -7.39 11.04 -11.33
CA PHE B 406 -6.32 12.07 -11.14
C PHE B 406 -6.42 13.11 -12.26
N LEU B 407 -6.65 12.65 -13.49
CA LEU B 407 -6.71 13.56 -14.65
C LEU B 407 -7.94 14.47 -14.53
N GLN B 408 -9.07 13.92 -14.08
CA GLN B 408 -10.36 14.65 -13.97
C GLN B 408 -10.14 15.88 -13.11
N ALA B 409 -9.43 15.71 -11.99
CA ALA B 409 -9.01 16.78 -11.07
C ALA B 409 -8.46 17.98 -11.84
N HIS B 410 -7.56 17.77 -12.79
CA HIS B 410 -6.90 18.87 -13.55
C HIS B 410 -7.98 19.78 -14.19
N TYR B 411 -9.13 19.18 -14.53
CA TYR B 411 -10.21 19.82 -15.33
C TYR B 411 -11.28 20.41 -14.40
N TYR B 412 -11.86 19.59 -13.52
CA TYR B 412 -13.06 19.96 -12.74
C TYR B 412 -12.77 21.20 -11.88
N PHE B 413 -11.51 21.38 -11.48
CA PHE B 413 -11.03 22.41 -10.53
C PHE B 413 -10.16 23.46 -11.26
N SER B 414 -10.17 23.52 -12.59
CA SER B 414 -9.71 24.74 -13.32
C SER B 414 -10.68 25.87 -13.00
N PRO B 415 -10.19 27.09 -12.69
CA PRO B 415 -11.06 28.24 -12.53
C PRO B 415 -11.53 28.87 -13.86
N ARG B 416 -10.88 28.56 -15.01
CA ARG B 416 -11.21 29.11 -16.36
C ARG B 416 -12.67 28.83 -16.70
N VAL B 417 -13.39 29.83 -17.26
CA VAL B 417 -14.82 29.73 -17.69
C VAL B 417 -15.06 30.55 -18.97
N ASP B 418 -14.01 31.04 -19.66
CA ASP B 418 -14.19 31.91 -20.85
C ASP B 418 -14.93 31.15 -21.96
N THR B 419 -14.36 30.04 -22.45
CA THR B 419 -14.88 29.29 -23.63
C THR B 419 -15.85 28.22 -23.17
N PRO B 420 -16.76 27.72 -24.04
CA PRO B 420 -17.78 26.76 -23.63
C PRO B 420 -17.18 25.41 -23.19
N PHE B 421 -15.96 25.11 -23.69
CA PHE B 421 -15.11 23.94 -23.33
C PHE B 421 -14.85 23.93 -21.82
N TRP B 422 -14.20 24.99 -21.34
CA TRP B 422 -13.78 25.12 -19.93
C TRP B 422 -15.01 25.09 -18.99
N ARG B 423 -16.13 25.65 -19.44
CA ARG B 423 -17.40 25.66 -18.65
C ARG B 423 -17.98 24.26 -18.63
N ALA B 424 -17.88 23.54 -19.75
CA ALA B 424 -18.40 22.16 -19.92
C ALA B 424 -17.71 21.24 -18.90
N ASN B 425 -16.39 21.43 -18.70
CA ASN B 425 -15.57 20.73 -17.69
C ASN B 425 -16.23 20.78 -16.30
N LYS B 426 -16.91 21.87 -15.94
CA LYS B 426 -17.55 22.02 -14.59
C LYS B 426 -18.84 21.18 -14.51
N GLU B 427 -19.27 20.57 -15.62
CA GLU B 427 -20.46 19.66 -15.66
C GLU B 427 -20.03 18.20 -15.81
N LEU B 428 -18.77 17.86 -15.56
CA LEU B 428 -18.28 16.44 -15.52
C LEU B 428 -18.94 15.72 -14.35
N LYS B 429 -19.24 14.43 -14.50
CA LYS B 429 -19.62 13.54 -13.38
C LYS B 429 -18.28 13.07 -12.79
N LEU B 430 -17.92 13.52 -11.58
CA LEU B 430 -16.67 13.08 -10.89
C LEU B 430 -16.90 11.66 -10.40
N ALA B 431 -15.90 10.80 -10.52
CA ALA B 431 -15.99 9.43 -9.98
C ALA B 431 -16.05 9.53 -8.45
N ASP B 432 -16.70 8.58 -7.79
CA ASP B 432 -16.68 8.46 -6.31
C ASP B 432 -15.24 8.52 -5.76
N SER B 433 -14.29 7.82 -6.37
CA SER B 433 -12.91 7.76 -5.85
C SER B 433 -12.34 9.18 -5.70
N ILE B 434 -12.54 10.06 -6.67
CA ILE B 434 -11.89 11.42 -6.67
C ILE B 434 -12.69 12.41 -5.80
N LYS B 435 -14.02 12.25 -5.70
CA LYS B 435 -14.82 13.02 -4.72
C LYS B 435 -14.29 12.77 -3.29
N ASP B 436 -14.10 11.51 -2.95
CA ASP B 436 -13.62 11.07 -1.63
C ASP B 436 -12.25 11.71 -1.33
N LYS B 437 -11.39 11.79 -2.34
CA LYS B 437 -9.99 12.30 -2.23
C LYS B 437 -9.99 13.81 -2.08
N VAL B 438 -10.92 14.51 -2.72
CA VAL B 438 -11.07 15.99 -2.59
C VAL B 438 -11.57 16.29 -1.19
N GLU B 439 -12.59 15.55 -0.75
CA GLU B 439 -13.14 15.67 0.63
C GLU B 439 -11.99 15.56 1.64
N THR B 440 -11.02 14.69 1.38
CA THR B 440 -9.88 14.38 2.30
C THR B 440 -8.90 15.56 2.29
N TYR B 441 -8.48 15.95 1.10
CA TYR B 441 -7.54 17.08 0.88
C TYR B 441 -8.06 18.31 1.60
N ARG B 442 -9.37 18.57 1.48
CA ARG B 442 -10.10 19.77 1.96
C ARG B 442 -10.12 19.83 3.49
N ALA B 443 -10.14 18.67 4.15
CA ALA B 443 -10.05 18.56 5.63
C ALA B 443 -8.60 18.77 6.08
N GLY B 444 -7.66 18.94 5.15
CA GLY B 444 -6.22 19.14 5.44
C GLY B 444 -5.44 17.83 5.55
N LEU B 445 -6.11 16.67 5.49
CA LEU B 445 -5.49 15.31 5.58
C LEU B 445 -4.71 15.01 4.32
N PRO B 446 -3.59 14.26 4.44
CA PRO B 446 -2.86 13.77 3.27
C PRO B 446 -3.73 12.81 2.45
N VAL B 447 -3.54 12.87 1.12
CA VAL B 447 -4.13 11.94 0.13
C VAL B 447 -3.04 11.06 -0.43
N ASN B 448 -3.18 9.72 -0.31
CA ASN B 448 -2.25 8.69 -0.83
C ASN B 448 -0.86 9.01 -0.31
N LEU B 449 -0.67 8.98 1.01
CA LEU B 449 0.61 9.39 1.64
C LEU B 449 1.70 8.41 1.22
N PRO B 450 2.83 8.85 0.63
CA PRO B 450 3.89 7.90 0.25
C PRO B 450 4.46 7.33 1.56
N VAL B 451 4.77 6.04 1.59
CA VAL B 451 5.17 5.36 2.85
C VAL B 451 6.63 4.90 2.75
N THR B 452 7.45 5.55 1.92
CA THR B 452 8.71 4.96 1.44
C THR B 452 9.65 6.02 0.84
N ASP B 453 10.97 5.92 1.14
CA ASP B 453 12.12 6.40 0.32
CA ASP B 453 12.07 6.49 0.30
C ASP B 453 11.92 5.87 -1.10
N GLU B 454 12.47 6.52 -2.15
CA GLU B 454 12.29 6.01 -3.55
C GLU B 454 13.40 4.97 -3.83
N GLY B 455 14.19 4.61 -2.81
CA GLY B 455 14.90 3.32 -2.80
C GLY B 455 13.98 2.18 -3.19
N THR B 456 12.81 2.08 -2.55
CA THR B 456 11.74 1.08 -2.82
C THR B 456 10.88 1.47 -4.05
N ASN B 460 11.61 -0.31 -6.50
CA ASN B 460 10.70 -1.49 -6.49
C ASN B 460 9.41 -1.10 -7.20
N PHE B 461 9.19 -1.64 -8.40
CA PHE B 461 8.08 -1.27 -9.31
CA PHE B 461 8.07 -1.22 -9.29
C PHE B 461 6.74 -1.47 -8.58
N GLU B 462 6.61 -2.59 -7.87
CA GLU B 462 5.34 -3.07 -7.30
C GLU B 462 4.82 -1.97 -6.36
N ALA B 463 5.74 -1.25 -5.69
CA ALA B 463 5.50 -0.24 -4.62
C ALA B 463 4.57 0.89 -5.06
N GLU B 464 4.78 1.37 -6.29
CA GLU B 464 4.16 2.60 -6.84
C GLU B 464 3.00 2.24 -7.82
N PHE B 465 2.45 1.05 -7.64
N PHE B 465 2.03 1.34 -7.52
CA PHE B 465 1.18 0.54 -8.21
CA PHE B 465 1.12 0.81 -8.60
C PHE B 465 0.22 0.22 -7.06
C PHE B 465 -0.42 0.92 -8.45
N ARG B 466 0.72 0.01 -5.83
N ARG B 466 -1.06 0.71 -7.29
CA ARG B 466 -0.09 0.07 -4.57
CA ARG B 466 -2.54 0.89 -7.12
C ARG B 466 -0.54 1.52 -4.34
C ARG B 466 -2.84 2.32 -6.64
N ASN B 467 0.10 2.50 -5.00
N ASN B 467 -1.82 3.06 -6.18
CA ASN B 467 -0.10 3.94 -4.68
CA ASN B 467 -1.87 4.43 -5.60
C ASN B 467 0.49 4.81 -5.80
C ASN B 467 -0.49 5.09 -5.85
N PHE B 468 -0.01 4.84 -7.08
CA PHE B 468 0.89 5.58 -8.01
C PHE B 468 0.95 7.10 -7.78
N TRP B 469 -0.19 7.78 -7.86
CA TRP B 469 -0.30 9.25 -7.69
C TRP B 469 -0.37 9.59 -6.19
N THR B 470 0.75 10.11 -5.65
CA THR B 470 0.94 10.35 -4.21
C THR B 470 0.44 11.73 -3.78
N ASN B 471 0.48 11.94 -2.47
CA ASN B 471 0.14 13.22 -1.78
C ASN B 471 0.69 14.40 -2.58
N GLY B 472 1.99 14.42 -2.82
CA GLY B 472 2.71 15.51 -3.52
C GLY B 472 2.11 15.83 -4.90
N SER B 473 1.58 14.82 -5.56
CA SER B 473 1.06 14.98 -6.93
C SER B 473 -0.32 15.62 -6.82
N TYR B 474 -1.14 15.22 -5.85
CA TYR B 474 -2.45 15.86 -5.62
C TYR B 474 -2.20 17.33 -5.23
N TYR B 475 -1.25 17.63 -4.35
CA TYR B 475 -1.02 19.02 -3.90
C TYR B 475 -0.54 19.83 -5.10
N CYS B 476 0.41 19.32 -5.90
CA CYS B 476 0.92 20.00 -7.13
C CYS B 476 -0.22 20.54 -8.02
N ILE B 477 -1.30 19.76 -8.18
CA ILE B 477 -2.41 20.02 -9.13
C ILE B 477 -3.47 20.86 -8.43
N PHE B 478 -4.06 20.36 -7.35
CA PHE B 478 -5.03 21.11 -6.51
C PHE B 478 -4.49 22.53 -6.23
N ALA B 479 -3.36 22.62 -5.56
CA ALA B 479 -2.84 23.92 -5.09
C ALA B 479 -2.38 24.73 -6.31
N GLY B 480 -1.95 24.07 -7.38
CA GLY B 480 -1.50 24.74 -8.63
C GLY B 480 -2.66 25.45 -9.31
N LEU B 481 -3.85 24.83 -9.33
CA LEU B 481 -5.12 25.40 -9.85
C LEU B 481 -5.83 26.30 -8.82
N GLY B 482 -5.37 26.30 -7.57
CA GLY B 482 -5.85 27.19 -6.50
C GLY B 482 -6.89 26.58 -5.58
N LEU B 483 -7.22 25.29 -5.69
CA LEU B 483 -8.03 24.60 -4.65
C LEU B 483 -7.12 24.31 -3.46
N MET B 484 -7.56 24.71 -2.27
CA MET B 484 -6.79 24.62 -1.00
C MET B 484 -7.62 23.86 0.02
N PRO B 485 -6.99 23.33 1.07
CA PRO B 485 -7.75 22.86 2.23
C PRO B 485 -8.56 24.02 2.81
N ARG B 486 -9.73 23.71 3.35
CA ARG B 486 -10.62 24.61 4.11
C ARG B 486 -9.81 25.33 5.19
N ASN B 487 -8.93 24.58 5.86
CA ASN B 487 -8.10 24.99 7.02
C ASN B 487 -6.86 24.11 7.02
N PRO B 488 -5.83 24.45 7.81
CA PRO B 488 -4.69 23.56 8.01
C PRO B 488 -5.10 22.23 8.65
N LEU B 489 -4.16 21.30 8.67
CA LEU B 489 -4.31 20.03 9.44
C LEU B 489 -4.34 20.42 10.91
N PRO B 490 -5.47 20.18 11.63
CA PRO B 490 -5.61 20.58 13.02
C PRO B 490 -4.47 20.13 13.94
N ALA B 491 -3.89 18.95 13.72
CA ALA B 491 -2.82 18.43 14.60
C ALA B 491 -1.65 19.43 14.62
N LEU B 492 -1.47 20.24 13.58
CA LEU B 492 -0.34 21.20 13.54
C LEU B 492 -0.52 22.30 14.61
N ALA B 493 -1.76 22.68 14.93
CA ALA B 493 -2.05 23.62 16.03
C ALA B 493 -1.39 23.18 17.34
N TYR B 494 -1.09 21.90 17.55
CA TYR B 494 -0.63 21.36 18.86
C TYR B 494 0.85 20.98 18.81
N LYS B 495 1.57 21.35 17.76
CA LYS B 495 2.89 20.73 17.45
C LYS B 495 3.93 21.79 17.11
N PRO B 496 4.24 22.72 18.03
CA PRO B 496 5.14 23.82 17.70
C PRO B 496 6.54 23.31 17.34
N GLN B 497 7.05 22.28 18.05
CA GLN B 497 8.38 21.66 17.80
C GLN B 497 8.44 21.11 16.38
N SER B 498 7.32 20.53 15.90
CA SER B 498 7.15 19.97 14.55
C SER B 498 7.15 21.10 13.52
N ILE B 499 6.38 22.15 13.77
CA ILE B 499 6.34 23.37 12.89
C ILE B 499 7.77 23.87 12.69
N ALA B 500 8.59 23.84 13.74
CA ALA B 500 9.96 24.37 13.76
C ALA B 500 10.83 23.49 12.88
N GLU B 501 10.74 22.17 13.06
CA GLU B 501 11.47 21.16 12.26
C GLU B 501 11.19 21.44 10.78
N ALA B 502 9.92 21.63 10.41
CA ALA B 502 9.51 21.93 9.02
C ALA B 502 10.23 23.17 8.50
N GLU B 503 10.44 24.19 9.35
CA GLU B 503 11.13 25.46 8.94
C GLU B 503 12.55 25.13 8.48
N LEU B 504 13.21 24.14 9.09
CA LEU B 504 14.57 23.71 8.63
C LEU B 504 14.43 23.01 7.26
N LEU B 505 13.38 22.22 7.01
CA LEU B 505 13.20 21.52 5.71
C LEU B 505 12.94 22.54 4.60
N PHE B 506 12.23 23.64 4.89
CA PHE B 506 11.93 24.72 3.92
C PHE B 506 13.25 25.41 3.58
N ALA B 507 14.10 25.54 4.59
CA ALA B 507 15.44 26.13 4.50
C ALA B 507 16.29 25.23 3.61
N ASP B 508 16.19 23.90 3.81
CA ASP B 508 16.99 22.86 3.12
C ASP B 508 16.66 22.88 1.63
N VAL B 509 15.39 23.07 1.26
CA VAL B 509 14.94 23.17 -0.15
C VAL B 509 15.51 24.46 -0.76
N LYS B 510 15.57 25.56 0.00
CA LYS B 510 16.15 26.85 -0.46
C LYS B 510 17.65 26.61 -0.73
N ARG B 511 18.35 26.06 0.25
CA ARG B 511 19.83 25.90 0.20
C ARG B 511 20.16 24.99 -0.99
N LYS B 512 19.42 23.89 -1.15
CA LYS B 512 19.62 22.86 -2.21
C LYS B 512 19.40 23.51 -3.58
N GLY B 513 18.27 24.19 -3.78
CA GLY B 513 17.97 24.92 -5.02
C GLY B 513 19.06 25.93 -5.36
N ASP B 514 19.49 26.72 -4.39
CA ASP B 514 20.58 27.72 -4.58
C ASP B 514 21.85 26.94 -4.96
N THR B 515 22.37 26.11 -4.05
CA THR B 515 23.61 25.32 -4.25
C THR B 515 23.58 24.64 -5.62
N LEU B 516 22.47 23.99 -5.98
CA LEU B 516 22.41 23.12 -7.19
C LEU B 516 22.21 23.99 -8.44
N VAL B 517 21.45 25.08 -8.38
CA VAL B 517 21.27 26.00 -9.56
C VAL B 517 22.63 26.60 -9.93
N GLU B 518 23.56 26.70 -8.97
CA GLU B 518 24.97 27.12 -9.22
C GLU B 518 25.74 25.94 -9.87
N SER B 519 25.90 24.81 -9.17
CA SER B 519 26.90 23.74 -9.49
C SER B 519 26.47 22.84 -10.68
N LEU B 520 25.19 22.80 -11.07
CA LEU B 520 24.69 21.86 -12.12
C LEU B 520 25.01 22.39 -13.52
N PRO B 521 25.26 21.50 -14.51
CA PRO B 521 25.35 21.88 -15.92
C PRO B 521 23.96 22.15 -16.49
N SER B 522 23.86 22.90 -17.59
CA SER B 522 22.57 23.17 -18.25
C SER B 522 22.09 21.85 -18.86
N THR B 523 20.79 21.71 -19.06
CA THR B 523 20.18 20.50 -19.66
C THR B 523 20.88 20.29 -21.00
N TYR B 524 20.94 21.36 -21.81
CA TYR B 524 21.61 21.35 -23.14
C TYR B 524 22.99 20.67 -23.01
N ASP B 525 23.79 21.14 -22.05
CA ASP B 525 25.20 20.73 -21.92
C ASP B 525 25.27 19.22 -21.61
N LEU B 526 24.41 18.70 -20.72
CA LEU B 526 24.40 17.25 -20.36
C LEU B 526 24.01 16.41 -21.57
N LEU B 527 22.98 16.84 -22.32
CA LEU B 527 22.54 16.14 -23.57
C LEU B 527 23.72 16.10 -24.57
N ARG B 528 24.41 17.21 -24.79
CA ARG B 528 25.57 17.30 -25.71
C ARG B 528 26.69 16.35 -25.26
N GLN B 529 26.88 16.15 -23.95
CA GLN B 529 27.84 15.13 -23.45
C GLN B 529 27.29 13.73 -23.77
N LEU B 530 26.02 13.48 -23.51
CA LEU B 530 25.37 12.15 -23.66
C LEU B 530 25.39 11.68 -25.12
N HIS B 531 24.92 12.50 -26.06
CA HIS B 531 24.75 12.16 -27.50
C HIS B 531 26.03 12.49 -28.31
N GLY B 532 27.22 12.43 -27.70
CA GLY B 532 28.48 12.89 -28.33
C GLY B 532 29.29 11.73 -28.86
#